data_3MGA
#
_entry.id   3MGA
#
_cell.length_a   52.489
_cell.length_b   125.552
_cell.length_c   66.606
_cell.angle_alpha   90.00
_cell.angle_beta   91.43
_cell.angle_gamma   90.00
#
_symmetry.space_group_name_H-M   'P 1 21 1'
#
loop_
_entity.id
_entity.type
_entity.pdbx_description
1 polymer 'Enterochelin esterase'
2 non-polymer 'CHLORIDE ION'
3 non-polymer GLYCEROL
4 non-polymer DI(HYDROXYETHYL)ETHER
5 non-polymer 'MAGNESIUM ION'
6 non-polymer 'SODIUM ION'
7 water water
#
_entity_poly.entity_id   1
_entity_poly.type   'polypeptide(L)'
_entity_poly.pdbx_seq_one_letter_code
;SNA(MSE)KEALATGSEAWWRTKTGPEWIREKDGNYRVTFWWRDPQGNETHSPIRRVWVYITGVTDHHQNAQPQT(MSE)
ARIAGTDVWRWSTALSANWRGSYCFIPTERDDVFAAFAPGETPDRNVLREGWRQLLPQAIADPLNSQSWRGGRGHAVSAL
E(MSE)PDAPLQPGWDRPETPYSPPL(MSE)(MSE)QWHSERLGNSRRVWILTTGDEAPEERPLAILLDGQFWAEN
(MSE)PVWPALASLTHQRLLPGAVYLLIDAIDTQHRSQELPCNADFWLAVQQELLPQVRAVTPFSDDAGRTVVAGQSFGG
LSALYAGLNWPTRFGCVLSQSGSFWWPHRITPPEGEVITRLKTGALCARGLRIVLEAGVREPIVFQANQALYAQLNTSQQ
SIFWRQVDGGHDALCWRGGLTQGL(MSE)LLWQPLIDTL
;
_entity_poly.pdbx_strand_id   A,B
#
# COMPACT_ATOMS: atom_id res chain seq x y z
N THR A 10 -44.51 -2.18 -24.35
CA THR A 10 -43.04 -2.32 -24.55
C THR A 10 -42.39 -0.94 -24.68
N GLY A 11 -41.21 -0.79 -24.07
CA GLY A 11 -40.47 0.47 -24.10
C GLY A 11 -40.98 1.50 -23.11
N SER A 12 -42.00 1.14 -22.33
CA SER A 12 -42.57 2.05 -21.34
C SER A 12 -41.79 1.97 -20.03
N GLU A 13 -42.05 2.91 -19.13
CA GLU A 13 -41.38 2.94 -17.83
C GLU A 13 -41.68 1.68 -17.04
N ALA A 14 -42.95 1.28 -17.03
CA ALA A 14 -43.39 0.08 -16.32
C ALA A 14 -42.80 -1.20 -16.94
N TRP A 15 -42.51 -1.16 -18.23
CA TRP A 15 -41.93 -2.29 -18.93
C TRP A 15 -40.46 -2.47 -18.54
N TRP A 16 -39.74 -1.36 -18.40
CA TRP A 16 -38.33 -1.42 -17.99
C TRP A 16 -38.14 -1.94 -16.55
N ARG A 17 -39.17 -1.72 -15.73
CA ARG A 17 -39.17 -2.17 -14.33
C ARG A 17 -39.06 -3.69 -14.20
N THR A 18 -39.59 -4.41 -15.20
CA THR A 18 -39.56 -5.89 -15.19
C THR A 18 -38.20 -6.44 -15.63
N LYS A 19 -37.37 -5.60 -16.24
CA LYS A 19 -36.05 -6.02 -16.69
C LYS A 19 -34.97 -5.83 -15.63
N THR A 20 -34.33 -6.96 -15.28
CA THR A 20 -33.27 -7.05 -14.29
C THR A 20 -31.94 -7.44 -14.93
N GLY A 21 -31.92 -7.54 -16.26
CA GLY A 21 -30.73 -7.93 -16.99
C GLY A 21 -31.11 -8.89 -18.10
N PRO A 22 -30.13 -9.68 -18.58
CA PRO A 22 -30.41 -10.65 -19.63
C PRO A 22 -31.45 -11.69 -19.22
N GLU A 23 -32.27 -12.11 -20.18
CA GLU A 23 -33.31 -13.13 -19.96
C GLU A 23 -32.99 -14.36 -20.79
N TRP A 24 -33.37 -15.53 -20.30
CA TRP A 24 -33.10 -16.77 -21.00
C TRP A 24 -34.30 -17.71 -21.07
N ILE A 25 -34.33 -18.53 -22.13
CA ILE A 25 -35.37 -19.52 -22.35
C ILE A 25 -34.72 -20.84 -22.72
N ARG A 26 -35.06 -21.88 -21.96
CA ARG A 26 -34.52 -23.21 -22.17
C ARG A 26 -35.22 -23.77 -23.39
N GLU A 27 -34.44 -24.20 -24.38
CA GLU A 27 -35.01 -24.77 -25.62
C GLU A 27 -34.99 -26.29 -25.66
N LYS A 28 -35.61 -26.85 -26.69
CA LYS A 28 -35.71 -28.30 -26.89
C LYS A 28 -34.35 -29.02 -26.85
N ASP A 29 -33.38 -28.50 -27.57
CA ASP A 29 -32.03 -29.08 -27.63
C ASP A 29 -31.28 -29.10 -26.29
N GLY A 30 -31.63 -28.19 -25.38
CA GLY A 30 -30.98 -28.11 -24.08
C GLY A 30 -30.21 -26.81 -23.90
N ASN A 31 -30.09 -26.05 -24.99
CA ASN A 31 -29.41 -24.77 -24.99
C ASN A 31 -30.40 -23.66 -24.65
N TYR A 32 -29.91 -22.43 -24.56
CA TYR A 32 -30.72 -21.29 -24.19
C TYR A 32 -30.71 -20.13 -25.18
N ARG A 33 -31.89 -19.55 -25.40
CA ARG A 33 -32.04 -18.36 -26.24
C ARG A 33 -31.96 -17.23 -25.23
N VAL A 34 -30.84 -16.52 -25.19
CA VAL A 34 -30.63 -15.43 -24.25
C VAL A 34 -30.79 -14.06 -24.91
N THR A 35 -31.60 -13.20 -24.30
CA THR A 35 -31.85 -11.87 -24.82
C THR A 35 -31.27 -10.79 -23.91
N PHE A 36 -30.55 -9.85 -24.53
CA PHE A 36 -29.93 -8.74 -23.84
C PHE A 36 -30.72 -7.47 -24.11
N TRP A 37 -30.80 -6.60 -23.11
CA TRP A 37 -31.51 -5.34 -23.25
C TRP A 37 -30.65 -4.16 -22.81
N TRP A 38 -30.73 -3.08 -23.56
CA TRP A 38 -30.02 -1.84 -23.24
C TRP A 38 -31.00 -0.72 -23.53
N ARG A 39 -31.19 0.16 -22.55
CA ARG A 39 -32.09 1.29 -22.67
C ARG A 39 -31.29 2.51 -23.09
N ASP A 40 -31.62 3.07 -24.25
CA ASP A 40 -30.92 4.25 -24.74
C ASP A 40 -31.37 5.44 -23.91
N PRO A 41 -30.42 6.13 -23.24
CA PRO A 41 -30.81 7.27 -22.44
C PRO A 41 -31.16 8.52 -23.25
N GLN A 42 -30.79 8.55 -24.53
CA GLN A 42 -31.07 9.71 -25.40
C GLN A 42 -32.34 9.58 -26.24
N GLY A 43 -33.22 8.65 -25.88
CA GLY A 43 -34.51 8.46 -26.55
C GLY A 43 -34.57 7.52 -27.74
N ASN A 44 -35.50 7.82 -28.65
CA ASN A 44 -35.74 7.03 -29.86
C ASN A 44 -34.87 7.45 -31.04
N GLU A 45 -35.14 6.88 -32.23
CA GLU A 45 -34.37 7.17 -33.46
C GLU A 45 -34.12 8.66 -33.70
N THR A 46 -35.20 9.43 -33.81
CA THR A 46 -35.13 10.87 -34.10
C THR A 46 -34.37 11.70 -33.08
N HIS A 47 -34.32 11.24 -31.83
CA HIS A 47 -33.63 11.97 -30.76
C HIS A 47 -32.20 11.45 -30.55
N SER A 48 -32.06 10.15 -30.29
CA SER A 48 -30.74 9.54 -30.05
C SER A 48 -29.86 9.44 -31.30
N PRO A 49 -28.59 9.86 -31.19
CA PRO A 49 -27.65 9.79 -32.29
C PRO A 49 -26.87 8.46 -32.31
N ILE A 50 -27.27 7.50 -31.48
CA ILE A 50 -26.58 6.21 -31.41
C ILE A 50 -26.74 5.37 -32.67
N ARG A 51 -25.59 4.96 -33.21
CA ARG A 51 -25.51 4.13 -34.41
C ARG A 51 -25.33 2.64 -34.05
N ARG A 52 -24.44 2.36 -33.10
CA ARG A 52 -24.17 0.98 -32.68
C ARG A 52 -24.26 0.77 -31.18
N VAL A 53 -24.47 -0.49 -30.81
CA VAL A 53 -24.51 -0.93 -29.41
C VAL A 53 -23.95 -2.34 -29.47
N TRP A 54 -22.62 -2.44 -29.47
CA TRP A 54 -21.95 -3.73 -29.57
C TRP A 54 -22.10 -4.55 -28.29
N VAL A 55 -22.32 -5.85 -28.45
CA VAL A 55 -22.45 -6.74 -27.33
C VAL A 55 -21.16 -7.53 -27.36
N TYR A 56 -20.30 -7.27 -26.38
CA TYR A 56 -19.00 -7.93 -26.30
C TYR A 56 -19.04 -8.95 -25.17
N ILE A 57 -19.27 -10.20 -25.53
CA ILE A 57 -19.35 -11.31 -24.58
C ILE A 57 -18.09 -12.15 -24.75
N THR A 58 -17.34 -12.32 -23.66
CA THR A 58 -16.10 -13.09 -23.69
C THR A 58 -16.33 -14.50 -24.26
N GLY A 59 -15.53 -14.86 -25.26
CA GLY A 59 -15.61 -16.18 -25.88
C GLY A 59 -16.88 -16.48 -26.68
N VAL A 60 -17.69 -15.47 -26.95
CA VAL A 60 -18.92 -15.69 -27.72
C VAL A 60 -19.02 -14.74 -28.92
N THR A 61 -18.83 -13.44 -28.68
CA THR A 61 -18.90 -12.45 -29.76
C THR A 61 -17.60 -11.68 -29.95
N ASP A 62 -16.49 -12.19 -29.46
CA ASP A 62 -15.19 -11.51 -29.59
C ASP A 62 -14.26 -12.20 -30.59
N HIS A 63 -12.98 -11.88 -30.55
CA HIS A 63 -11.99 -12.44 -31.46
C HIS A 63 -11.66 -13.91 -31.18
N HIS A 64 -11.95 -14.41 -29.98
CA HIS A 64 -11.65 -15.81 -29.66
C HIS A 64 -12.48 -16.79 -30.52
N GLN A 65 -13.66 -16.37 -30.95
CA GLN A 65 -14.50 -17.18 -31.82
C GLN A 65 -14.51 -16.63 -33.24
N ASN A 66 -13.60 -15.69 -33.54
CA ASN A 66 -13.56 -15.05 -34.87
C ASN A 66 -14.97 -14.67 -35.29
N ALA A 67 -15.73 -14.12 -34.34
CA ALA A 67 -17.10 -13.75 -34.59
C ALA A 67 -17.20 -12.40 -35.26
N GLN A 68 -18.21 -12.26 -36.12
CA GLN A 68 -18.46 -11.00 -36.79
C GLN A 68 -19.04 -10.12 -35.69
N PRO A 69 -18.53 -8.88 -35.55
CA PRO A 69 -18.99 -7.94 -34.52
C PRO A 69 -20.50 -7.87 -34.42
N GLN A 70 -21.02 -8.18 -33.23
CA GLN A 70 -22.46 -8.19 -32.99
C GLN A 70 -22.93 -6.93 -32.30
N THR A 71 -23.93 -6.29 -32.89
CA THR A 71 -24.52 -5.07 -32.34
C THR A 71 -26.00 -5.29 -32.14
N ALA A 73 -30.08 -4.00 -31.96
CA ALA A 73 -30.96 -3.29 -32.85
C ALA A 73 -32.10 -2.78 -31.99
N ARG A 74 -32.57 -1.56 -32.28
CA ARG A 74 -33.67 -1.00 -31.50
C ARG A 74 -35.04 -1.32 -32.10
N ILE A 75 -36.01 -1.51 -31.21
CA ILE A 75 -37.38 -1.80 -31.61
C ILE A 75 -37.95 -0.46 -32.07
N ALA A 76 -38.12 -0.31 -33.38
CA ALA A 76 -38.63 0.93 -33.98
C ALA A 76 -39.68 1.64 -33.11
N GLY A 77 -39.43 2.93 -32.83
CA GLY A 77 -40.34 3.75 -32.04
C GLY A 77 -40.01 3.91 -30.56
N THR A 78 -39.16 3.02 -30.03
CA THR A 78 -38.79 3.05 -28.61
C THR A 78 -37.29 3.19 -28.36
N ASP A 79 -36.93 3.42 -27.09
CA ASP A 79 -35.52 3.54 -26.68
C ASP A 79 -34.96 2.18 -26.29
N VAL A 80 -35.59 1.11 -26.77
CA VAL A 80 -35.16 -0.25 -26.43
C VAL A 80 -34.29 -0.84 -27.52
N TRP A 81 -33.10 -1.28 -27.13
CA TRP A 81 -32.18 -1.97 -28.04
C TRP A 81 -32.20 -3.43 -27.56
N ARG A 82 -32.04 -4.35 -28.50
CA ARG A 82 -32.12 -5.75 -28.20
C ARG A 82 -31.19 -6.57 -29.07
N TRP A 83 -30.79 -7.72 -28.55
CA TRP A 83 -29.94 -8.64 -29.26
C TRP A 83 -29.99 -9.97 -28.52
N SER A 84 -30.08 -11.06 -29.28
CA SER A 84 -30.17 -12.38 -28.69
C SER A 84 -29.17 -13.33 -29.31
N THR A 85 -28.93 -14.43 -28.62
CA THR A 85 -28.00 -15.45 -29.08
C THR A 85 -28.29 -16.77 -28.36
N ALA A 86 -27.56 -17.82 -28.75
CA ALA A 86 -27.69 -19.13 -28.13
C ALA A 86 -26.49 -19.37 -27.22
N LEU A 87 -26.74 -19.96 -26.04
CA LEU A 87 -25.68 -20.27 -25.10
C LEU A 87 -25.93 -21.63 -24.48
N SER A 88 -24.86 -22.36 -24.19
CA SER A 88 -24.98 -23.69 -23.59
C SER A 88 -25.43 -23.59 -22.12
N ALA A 89 -25.98 -24.69 -21.60
CA ALA A 89 -26.50 -24.71 -20.24
C ALA A 89 -25.47 -24.55 -19.13
N ASN A 90 -24.24 -24.97 -19.38
CA ASN A 90 -23.17 -24.92 -18.40
C ASN A 90 -22.29 -23.66 -18.49
N TRP A 91 -22.62 -22.79 -19.42
CA TRP A 91 -21.84 -21.58 -19.66
C TRP A 91 -21.95 -20.46 -18.63
N ARG A 92 -20.84 -19.72 -18.52
CA ARG A 92 -20.70 -18.58 -17.63
C ARG A 92 -19.67 -17.67 -18.25
N GLY A 93 -19.92 -16.36 -18.20
CA GLY A 93 -18.97 -15.42 -18.78
C GLY A 93 -19.31 -13.96 -18.57
N SER A 94 -18.32 -13.12 -18.83
CA SER A 94 -18.45 -11.69 -18.69
C SER A 94 -18.93 -11.09 -19.99
N TYR A 95 -19.51 -9.90 -19.89
CA TYR A 95 -19.95 -9.19 -21.09
C TYR A 95 -20.02 -7.71 -20.78
N CYS A 96 -20.10 -6.91 -21.83
CA CYS A 96 -20.21 -5.47 -21.68
C CYS A 96 -20.81 -4.95 -22.96
N PHE A 97 -21.41 -3.77 -22.93
CA PHE A 97 -21.97 -3.19 -24.15
C PHE A 97 -21.11 -2.00 -24.55
N ILE A 98 -21.16 -1.65 -25.83
CA ILE A 98 -20.41 -0.51 -26.34
C ILE A 98 -21.34 0.36 -27.20
N PRO A 99 -22.17 1.19 -26.53
CA PRO A 99 -23.07 2.07 -27.26
C PRO A 99 -22.29 3.26 -27.80
N THR A 100 -22.25 3.41 -29.12
CA THR A 100 -21.50 4.48 -29.76
C THR A 100 -22.20 5.10 -30.96
N GLU A 101 -21.74 6.29 -31.34
CA GLU A 101 -22.25 7.01 -32.50
C GLU A 101 -21.40 6.67 -33.71
N ARG A 102 -20.25 6.03 -33.46
CA ARG A 102 -19.34 5.67 -34.52
C ARG A 102 -19.83 4.48 -35.34
N ASP A 103 -19.53 4.50 -36.63
CA ASP A 103 -19.90 3.42 -37.54
C ASP A 103 -18.81 3.21 -38.61
N ASP A 104 -17.59 3.60 -38.28
CA ASP A 104 -16.46 3.48 -39.21
C ASP A 104 -15.27 2.70 -38.64
N VAL A 105 -15.56 1.71 -37.80
CA VAL A 105 -14.50 0.90 -37.19
C VAL A 105 -14.33 -0.42 -37.92
N PHE A 106 -15.39 -1.22 -37.95
CA PHE A 106 -15.35 -2.51 -38.62
C PHE A 106 -15.76 -2.41 -40.09
N ALA A 107 -15.25 -3.34 -40.88
CA ALA A 107 -15.57 -3.41 -42.29
C ALA A 107 -16.78 -4.32 -42.44
N ALA A 108 -17.28 -4.45 -43.67
CA ALA A 108 -18.42 -5.30 -43.94
C ALA A 108 -18.00 -6.77 -43.89
N PHE A 109 -18.96 -7.64 -43.58
CA PHE A 109 -18.71 -9.07 -43.53
C PHE A 109 -19.88 -9.80 -44.18
N ALA A 110 -19.58 -10.67 -45.14
CA ALA A 110 -20.60 -11.45 -45.82
C ALA A 110 -20.97 -12.61 -44.89
N PRO A 111 -22.22 -13.11 -45.00
CA PRO A 111 -22.61 -14.23 -44.14
C PRO A 111 -21.72 -15.46 -44.37
N GLY A 112 -21.15 -15.97 -43.28
CA GLY A 112 -20.28 -17.16 -43.36
C GLY A 112 -18.83 -16.84 -43.70
N GLU A 113 -18.44 -15.58 -43.50
CA GLU A 113 -17.07 -15.13 -43.76
C GLU A 113 -16.31 -15.05 -42.45
N THR A 114 -15.29 -15.89 -42.28
CA THR A 114 -14.46 -15.86 -41.09
C THR A 114 -13.52 -14.66 -41.19
N PRO A 115 -13.69 -13.66 -40.30
CA PRO A 115 -12.79 -12.51 -40.39
C PRO A 115 -11.42 -12.83 -39.83
N ASP A 116 -10.45 -11.99 -40.15
CA ASP A 116 -9.09 -12.17 -39.65
C ASP A 116 -9.11 -11.75 -38.18
N ARG A 117 -8.58 -12.60 -37.32
CA ARG A 117 -8.56 -12.33 -35.87
C ARG A 117 -7.80 -11.04 -35.58
N ASN A 118 -6.67 -10.85 -36.25
CA ASN A 118 -5.87 -9.64 -36.06
C ASN A 118 -6.69 -8.39 -36.36
N VAL A 119 -7.49 -8.46 -37.43
CA VAL A 119 -8.35 -7.34 -37.82
C VAL A 119 -9.42 -7.07 -36.77
N LEU A 120 -9.91 -8.14 -36.13
CA LEU A 120 -10.92 -7.99 -35.07
C LEU A 120 -10.37 -7.26 -33.84
N ARG A 121 -9.36 -7.82 -33.20
CA ARG A 121 -8.77 -7.16 -32.03
C ARG A 121 -8.48 -5.68 -32.29
N GLU A 122 -7.90 -5.39 -33.45
CA GLU A 122 -7.61 -4.02 -33.82
C GLU A 122 -8.89 -3.20 -33.72
N GLY A 123 -9.93 -3.65 -34.41
CA GLY A 123 -11.22 -2.97 -34.37
C GLY A 123 -11.74 -2.78 -32.95
N TRP A 124 -11.63 -3.82 -32.13
CA TRP A 124 -12.09 -3.75 -30.74
C TRP A 124 -11.25 -2.84 -29.86
N ARG A 125 -9.95 -2.71 -30.17
CA ARG A 125 -9.09 -1.83 -29.38
C ARG A 125 -9.56 -0.36 -29.45
N GLN A 126 -10.26 -0.02 -30.53
CA GLN A 126 -10.79 1.34 -30.70
C GLN A 126 -12.17 1.56 -30.05
N LEU A 127 -12.89 0.48 -29.78
CA LEU A 127 -14.23 0.59 -29.17
C LEU A 127 -14.27 0.27 -27.67
N LEU A 128 -13.63 -0.81 -27.24
CA LEU A 128 -13.62 -1.23 -25.81
C LEU A 128 -13.37 -0.15 -24.77
N PRO A 129 -12.55 0.88 -25.09
CA PRO A 129 -12.43 1.91 -24.06
C PRO A 129 -13.77 2.60 -23.74
N GLN A 130 -14.71 2.54 -24.70
CA GLN A 130 -16.03 3.13 -24.54
C GLN A 130 -17.04 2.14 -23.95
N ALA A 131 -16.60 0.89 -23.73
CA ALA A 131 -17.45 -0.16 -23.19
C ALA A 131 -17.91 0.11 -21.76
N ILE A 132 -19.11 -0.38 -21.44
CA ILE A 132 -19.70 -0.21 -20.12
C ILE A 132 -20.37 -1.49 -19.64
N ALA A 133 -20.54 -1.60 -18.32
CA ALA A 133 -21.22 -2.74 -17.72
C ALA A 133 -22.69 -2.64 -18.09
N ASP A 134 -23.48 -3.61 -17.65
CA ASP A 134 -24.91 -3.61 -17.92
C ASP A 134 -25.60 -2.90 -16.77
N PRO A 135 -26.21 -1.72 -17.02
CA PRO A 135 -26.86 -0.96 -15.94
C PRO A 135 -28.06 -1.66 -15.28
N LEU A 136 -28.55 -2.73 -15.90
CA LEU A 136 -29.66 -3.50 -15.36
C LEU A 136 -29.14 -4.59 -14.40
N ASN A 137 -27.86 -4.93 -14.53
CA ASN A 137 -27.24 -6.01 -13.74
C ASN A 137 -26.24 -5.51 -12.69
N SER A 138 -26.62 -5.66 -11.42
CA SER A 138 -25.79 -5.22 -10.29
C SER A 138 -24.55 -6.09 -10.04
N GLN A 139 -24.40 -7.17 -10.78
CA GLN A 139 -23.25 -8.06 -10.60
C GLN A 139 -22.19 -7.65 -11.61
N SER A 140 -21.59 -6.51 -11.34
CA SER A 140 -20.55 -5.91 -12.17
C SER A 140 -19.27 -5.63 -11.38
N TRP A 141 -18.18 -5.41 -12.11
CA TRP A 141 -16.90 -5.11 -11.50
C TRP A 141 -15.96 -4.52 -12.55
N ARG A 142 -14.75 -4.16 -12.12
CA ARG A 142 -13.74 -3.61 -13.01
C ARG A 142 -13.05 -4.79 -13.64
N GLY A 143 -13.11 -4.89 -14.97
CA GLY A 143 -12.55 -6.04 -15.68
C GLY A 143 -11.05 -6.22 -15.66
N GLY A 144 -10.32 -5.15 -15.35
CA GLY A 144 -8.86 -5.20 -15.30
C GLY A 144 -8.21 -4.69 -16.58
N ARG A 145 -8.93 -4.81 -17.70
CA ARG A 145 -8.44 -4.36 -19.01
C ARG A 145 -8.71 -2.87 -19.26
N GLY A 146 -9.43 -2.21 -18.36
CA GLY A 146 -9.73 -0.77 -18.50
C GLY A 146 -11.19 -0.36 -18.63
N HIS A 147 -12.11 -1.30 -18.43
CA HIS A 147 -13.54 -1.01 -18.50
C HIS A 147 -14.31 -1.93 -17.55
N ALA A 148 -15.54 -1.53 -17.22
CA ALA A 148 -16.39 -2.32 -16.35
C ALA A 148 -17.07 -3.43 -17.17
N VAL A 149 -17.38 -4.54 -16.50
CA VAL A 149 -18.04 -5.68 -17.13
C VAL A 149 -19.16 -6.19 -16.25
N SER A 150 -19.95 -7.11 -16.78
CA SER A 150 -21.08 -7.69 -16.04
C SER A 150 -21.07 -9.21 -16.12
N ALA A 151 -21.71 -9.85 -15.15
CA ALA A 151 -21.73 -11.31 -15.07
C ALA A 151 -23.04 -11.95 -15.52
N LEU A 152 -22.90 -13.01 -16.30
CA LEU A 152 -24.03 -13.79 -16.80
C LEU A 152 -23.72 -15.26 -16.58
N GLU A 153 -24.69 -15.99 -16.05
CA GLU A 153 -24.51 -17.41 -15.79
C GLU A 153 -25.76 -18.19 -16.16
N PRO A 155 -28.24 -21.55 -15.93
CA PRO A 155 -28.66 -22.31 -14.76
C PRO A 155 -27.80 -23.50 -14.36
N ASP A 156 -27.08 -24.10 -15.30
CA ASP A 156 -26.26 -25.26 -14.99
C ASP A 156 -24.76 -24.96 -14.92
N ALA A 157 -24.40 -23.69 -14.77
CA ALA A 157 -23.01 -23.30 -14.62
C ALA A 157 -22.57 -23.96 -13.32
N PRO A 158 -21.40 -24.62 -13.33
CA PRO A 158 -20.98 -25.33 -12.09
C PRO A 158 -20.76 -24.40 -10.91
N LEU A 159 -20.95 -24.90 -9.70
CA LEU A 159 -20.74 -24.09 -8.52
C LEU A 159 -19.28 -23.61 -8.45
N GLN A 160 -19.09 -22.40 -7.95
CA GLN A 160 -17.77 -21.78 -7.77
C GLN A 160 -17.48 -21.76 -6.28
N PRO A 161 -16.76 -22.78 -5.77
CA PRO A 161 -16.50 -22.93 -4.34
C PRO A 161 -15.98 -21.69 -3.65
N GLY A 162 -16.64 -21.31 -2.55
CA GLY A 162 -16.25 -20.15 -1.75
C GLY A 162 -16.91 -18.86 -2.18
N TRP A 163 -17.04 -18.67 -3.49
CA TRP A 163 -17.65 -17.47 -4.05
C TRP A 163 -19.16 -17.44 -3.82
N ASP A 164 -19.75 -18.61 -3.57
CA ASP A 164 -21.19 -18.73 -3.33
C ASP A 164 -21.55 -18.34 -1.89
N ARG A 165 -20.70 -18.72 -0.95
CA ARG A 165 -20.90 -18.41 0.48
C ARG A 165 -19.71 -17.60 0.97
N PRO A 166 -19.56 -16.35 0.49
CA PRO A 166 -18.42 -15.57 0.95
C PRO A 166 -18.48 -15.32 2.45
N GLU A 167 -17.35 -15.52 3.13
CA GLU A 167 -17.25 -15.29 4.58
C GLU A 167 -16.04 -14.43 4.88
N THR A 168 -16.16 -13.56 5.88
CA THR A 168 -15.08 -12.66 6.27
C THR A 168 -13.88 -13.42 6.85
N PRO A 169 -12.65 -13.07 6.42
CA PRO A 169 -11.46 -13.74 6.94
C PRO A 169 -11.08 -13.25 8.34
N TYR A 170 -10.82 -14.19 9.25
CA TYR A 170 -10.45 -13.82 10.62
C TYR A 170 -9.24 -12.89 10.62
N SER A 171 -8.32 -13.12 9.68
CA SER A 171 -7.12 -12.31 9.53
C SER A 171 -7.25 -11.38 8.34
N PRO A 172 -6.96 -10.08 8.54
CA PRO A 172 -7.01 -9.18 7.39
C PRO A 172 -5.79 -9.36 6.50
N PRO A 173 -5.96 -9.13 5.18
CA PRO A 173 -4.84 -9.26 4.26
C PRO A 173 -3.79 -8.19 4.54
N LEU A 174 -2.53 -8.56 4.50
CA LEU A 174 -1.44 -7.62 4.75
C LEU A 174 -0.78 -7.32 3.43
N GLN A 177 5.79 -4.16 0.38
CA GLN A 177 6.42 -3.61 -0.78
C GLN A 177 7.68 -4.45 -0.97
N TRP A 178 7.74 -5.17 -2.08
CA TRP A 178 8.89 -6.02 -2.39
C TRP A 178 9.81 -5.38 -3.43
N HIS A 179 10.99 -4.96 -2.95
CA HIS A 179 12.02 -4.34 -3.78
C HIS A 179 12.98 -5.44 -4.23
N SER A 180 13.00 -5.69 -5.54
CA SER A 180 13.84 -6.75 -6.11
C SER A 180 15.15 -6.24 -6.68
N GLU A 181 16.26 -6.81 -6.22
CA GLU A 181 17.58 -6.45 -6.70
C GLU A 181 17.82 -7.18 -8.03
N ARG A 182 17.41 -8.44 -8.07
CA ARG A 182 17.48 -9.27 -9.27
C ARG A 182 16.73 -8.62 -10.44
N LEU A 183 15.49 -8.21 -10.20
CA LEU A 183 14.67 -7.57 -11.24
C LEU A 183 14.92 -6.09 -11.42
N GLY A 184 15.30 -5.41 -10.35
CA GLY A 184 15.58 -3.98 -10.40
C GLY A 184 14.32 -3.15 -10.39
N ASN A 185 13.28 -3.67 -9.74
CA ASN A 185 12.01 -2.96 -9.63
C ASN A 185 11.31 -3.28 -8.31
N SER A 186 10.38 -2.41 -7.90
CA SER A 186 9.61 -2.56 -6.67
C SER A 186 8.19 -2.98 -7.02
N ARG A 187 7.50 -3.58 -6.06
CA ARG A 187 6.18 -4.14 -6.34
C ARG A 187 5.43 -4.50 -5.07
N ARG A 188 4.10 -4.50 -5.13
CA ARG A 188 3.27 -4.87 -3.99
C ARG A 188 3.03 -6.37 -3.98
N VAL A 189 2.99 -6.92 -2.76
CA VAL A 189 2.66 -8.32 -2.56
C VAL A 189 1.65 -8.35 -1.39
N TRP A 190 0.64 -9.20 -1.49
CA TRP A 190 -0.34 -9.32 -0.44
C TRP A 190 -0.21 -10.66 0.29
N ILE A 191 -0.45 -10.65 1.59
CA ILE A 191 -0.33 -11.88 2.37
C ILE A 191 -1.58 -12.15 3.16
N LEU A 192 -2.19 -13.31 2.94
CA LEU A 192 -3.35 -13.72 3.70
C LEU A 192 -3.04 -15.07 4.35
N THR A 193 -3.36 -15.20 5.63
CA THR A 193 -3.18 -16.44 6.35
C THR A 193 -4.58 -16.89 6.78
N THR A 194 -4.87 -18.18 6.68
CA THR A 194 -6.20 -18.69 7.05
C THR A 194 -6.17 -19.76 8.16
N GLY A 195 -5.09 -19.79 8.92
CA GLY A 195 -4.97 -20.75 10.02
C GLY A 195 -3.72 -20.50 10.85
N ASP A 196 -3.79 -20.78 12.14
CA ASP A 196 -2.66 -20.59 13.05
C ASP A 196 -2.09 -21.90 13.58
N GLU A 197 -2.83 -23.00 13.43
CA GLU A 197 -2.37 -24.32 13.88
C GLU A 197 -1.15 -24.70 13.04
N ALA A 198 -0.24 -25.47 13.64
CA ALA A 198 0.99 -25.91 12.96
C ALA A 198 1.35 -24.95 11.82
N PRO A 199 1.83 -23.74 12.17
CA PRO A 199 2.22 -22.71 11.20
C PRO A 199 3.26 -23.20 10.20
N GLU A 200 4.22 -24.00 10.66
CA GLU A 200 5.29 -24.51 9.79
C GLU A 200 4.81 -25.62 8.84
N GLU A 201 3.59 -26.11 9.03
CA GLU A 201 3.02 -27.14 8.15
C GLU A 201 2.11 -26.52 7.09
N ARG A 202 1.66 -25.29 7.34
CA ARG A 202 0.80 -24.57 6.40
C ARG A 202 1.39 -24.55 5.00
N PRO A 203 0.58 -24.91 3.99
CA PRO A 203 1.08 -24.82 2.64
C PRO A 203 1.09 -23.36 2.17
N LEU A 204 2.06 -23.03 1.32
CA LEU A 204 2.18 -21.73 0.70
C LEU A 204 1.59 -21.84 -0.70
N ALA A 205 0.83 -20.82 -1.10
CA ALA A 205 0.22 -20.77 -2.41
C ALA A 205 0.51 -19.42 -3.02
N ILE A 206 1.17 -19.41 -4.17
CA ILE A 206 1.48 -18.17 -4.84
C ILE A 206 0.51 -17.88 -5.98
N LEU A 207 -0.12 -16.72 -5.94
CA LEU A 207 -1.05 -16.31 -6.97
C LEU A 207 -0.51 -15.14 -7.76
N LEU A 208 -0.31 -15.37 -9.06
CA LEU A 208 0.18 -14.34 -9.95
C LEU A 208 -1.00 -13.41 -10.27
N ASP A 209 -0.73 -12.27 -10.90
CA ASP A 209 -1.76 -11.27 -11.15
C ASP A 209 -2.48 -10.96 -9.83
N GLY A 210 -1.68 -10.82 -8.77
CA GLY A 210 -2.18 -10.54 -7.43
C GLY A 210 -3.02 -9.29 -7.31
N GLN A 211 -2.70 -8.27 -8.10
CA GLN A 211 -3.43 -7.01 -8.09
C GLN A 211 -4.92 -7.25 -8.38
N PHE A 212 -5.21 -8.15 -9.32
CA PHE A 212 -6.59 -8.47 -9.70
C PHE A 212 -7.30 -9.22 -8.60
N TRP A 213 -6.67 -10.28 -8.10
CA TRP A 213 -7.26 -11.11 -7.05
C TRP A 213 -7.28 -10.42 -5.68
N ALA A 214 -6.66 -9.26 -5.57
CA ALA A 214 -6.66 -8.50 -4.32
C ALA A 214 -7.59 -7.27 -4.42
N GLU A 215 -7.82 -6.76 -5.62
CA GLU A 215 -8.65 -5.56 -5.80
C GLU A 215 -9.89 -5.72 -6.70
N ASN A 216 -9.71 -6.12 -7.95
CA ASN A 216 -10.85 -6.26 -8.88
C ASN A 216 -11.83 -7.36 -8.48
N PRO A 218 -11.60 -9.63 -5.24
CA PRO A 218 -10.97 -10.11 -3.98
C PRO A 218 -11.22 -11.56 -3.65
N VAL A 219 -10.14 -12.32 -3.54
CA VAL A 219 -10.20 -13.75 -3.28
C VAL A 219 -10.31 -14.13 -1.80
N TRP A 220 -10.12 -13.17 -0.88
CA TRP A 220 -10.13 -13.49 0.56
C TRP A 220 -11.43 -14.14 1.08
N PRO A 221 -12.59 -13.50 0.84
CA PRO A 221 -13.82 -14.10 1.34
C PRO A 221 -14.05 -15.54 0.91
N ALA A 222 -13.74 -15.84 -0.36
CA ALA A 222 -13.91 -17.20 -0.89
C ALA A 222 -12.95 -18.18 -0.24
N LEU A 223 -11.71 -17.75 -0.01
CA LEU A 223 -10.70 -18.60 0.62
C LEU A 223 -11.05 -18.89 2.09
N ALA A 224 -11.44 -17.86 2.82
CA ALA A 224 -11.81 -18.03 4.23
C ALA A 224 -13.03 -18.93 4.36
N SER A 225 -13.98 -18.79 3.44
CA SER A 225 -15.19 -19.62 3.45
C SER A 225 -14.83 -21.09 3.28
N LEU A 226 -13.98 -21.40 2.31
CA LEU A 226 -13.56 -22.78 2.08
C LEU A 226 -12.76 -23.35 3.24
N THR A 227 -11.97 -22.48 3.89
CA THR A 227 -11.20 -22.88 5.05
C THR A 227 -12.14 -23.21 6.23
N HIS A 228 -13.13 -22.36 6.46
N HIS A 228 -13.14 -22.36 6.48
CA HIS A 228 -14.11 -22.56 7.53
CA HIS A 228 -14.07 -22.61 7.58
C HIS A 228 -14.89 -23.88 7.34
C HIS A 228 -14.87 -23.91 7.35
N GLN A 229 -15.15 -24.24 6.09
CA GLN A 229 -15.88 -25.48 5.76
C GLN A 229 -15.00 -26.73 5.82
N ARG A 230 -13.71 -26.52 6.04
CA ARG A 230 -12.70 -27.58 6.14
C ARG A 230 -12.42 -28.19 4.77
N LEU A 231 -12.67 -27.40 3.71
CA LEU A 231 -12.45 -27.84 2.34
C LEU A 231 -11.08 -27.35 1.81
N LEU A 232 -10.39 -26.55 2.62
CA LEU A 232 -9.03 -26.08 2.32
C LEU A 232 -8.31 -26.06 3.67
N PRO A 233 -7.01 -26.31 3.67
CA PRO A 233 -6.27 -26.29 4.92
C PRO A 233 -5.87 -24.87 5.26
N GLY A 234 -5.56 -24.60 6.53
CA GLY A 234 -5.09 -23.28 6.91
C GLY A 234 -3.82 -23.08 6.11
N ALA A 235 -3.74 -21.99 5.36
CA ALA A 235 -2.59 -21.75 4.49
C ALA A 235 -2.09 -20.33 4.56
N VAL A 236 -1.07 -20.06 3.75
CA VAL A 236 -0.45 -18.76 3.61
C VAL A 236 -0.55 -18.41 2.13
N TYR A 237 -1.32 -17.37 1.81
CA TYR A 237 -1.50 -16.94 0.43
C TYR A 237 -0.69 -15.69 0.06
N LEU A 238 0.08 -15.78 -1.02
CA LEU A 238 0.92 -14.69 -1.49
C LEU A 238 0.48 -14.19 -2.87
N LEU A 239 -0.11 -12.99 -2.94
CA LEU A 239 -0.53 -12.43 -4.21
C LEU A 239 0.53 -11.46 -4.69
N ILE A 240 1.06 -11.71 -5.90
CA ILE A 240 2.10 -10.85 -6.44
C ILE A 240 1.59 -9.93 -7.54
N ASP A 241 1.88 -8.65 -7.41
CA ASP A 241 1.47 -7.63 -8.37
C ASP A 241 2.32 -7.79 -9.63
N ALA A 242 1.67 -7.88 -10.78
CA ALA A 242 2.37 -7.98 -12.06
C ALA A 242 2.87 -6.61 -12.51
N ILE A 243 2.43 -5.56 -11.79
CA ILE A 243 2.80 -4.17 -12.04
C ILE A 243 2.05 -3.54 -13.20
N ASP A 244 2.34 -3.97 -14.41
CA ASP A 244 1.70 -3.43 -15.60
C ASP A 244 1.93 -4.36 -16.77
N THR A 245 1.33 -4.06 -17.91
CA THR A 245 1.45 -4.90 -19.10
C THR A 245 2.89 -5.06 -19.60
N GLN A 246 3.64 -3.97 -19.60
CA GLN A 246 5.03 -4.01 -20.04
C GLN A 246 5.82 -5.01 -19.20
N HIS A 247 5.73 -4.91 -17.88
CA HIS A 247 6.48 -5.82 -17.01
C HIS A 247 5.95 -7.24 -17.05
N ARG A 248 4.63 -7.38 -16.99
CA ARG A 248 4.00 -8.68 -16.99
C ARG A 248 4.36 -9.49 -18.25
N SER A 249 4.31 -8.84 -19.40
N SER A 249 4.31 -8.83 -19.40
CA SER A 249 4.64 -9.49 -20.66
CA SER A 249 4.65 -9.49 -20.67
C SER A 249 6.12 -9.85 -20.75
C SER A 249 6.12 -9.86 -20.75
N GLN A 250 6.95 -9.19 -19.93
CA GLN A 250 8.39 -9.46 -19.89
C GLN A 250 8.80 -10.43 -18.77
N GLU A 251 8.09 -10.38 -17.64
CA GLU A 251 8.45 -11.20 -16.47
C GLU A 251 7.75 -12.54 -16.33
N LEU A 252 6.53 -12.67 -16.84
CA LEU A 252 5.79 -13.93 -16.72
C LEU A 252 6.06 -14.98 -17.80
N PRO A 253 6.24 -14.57 -19.06
CA PRO A 253 6.45 -15.63 -20.07
C PRO A 253 7.84 -16.26 -20.07
N CYS A 254 8.01 -17.25 -19.19
CA CYS A 254 9.27 -17.99 -19.07
C CYS A 254 10.49 -17.11 -18.84
N ASN A 255 10.42 -16.26 -17.82
CA ASN A 255 11.54 -15.41 -17.43
C ASN A 255 12.10 -15.99 -16.14
N ALA A 256 13.31 -16.53 -16.20
CA ALA A 256 13.94 -17.18 -15.05
C ALA A 256 14.21 -16.24 -13.89
N ASP A 257 14.60 -15.01 -14.17
CA ASP A 257 14.86 -14.05 -13.08
C ASP A 257 13.68 -13.82 -12.17
N PHE A 258 12.47 -13.80 -12.74
CA PHE A 258 11.29 -13.59 -11.92
C PHE A 258 11.22 -14.65 -10.81
N TRP A 259 11.32 -15.92 -11.20
CA TRP A 259 11.26 -17.01 -10.23
C TRP A 259 12.49 -17.16 -9.36
N LEU A 260 13.66 -16.79 -9.88
CA LEU A 260 14.87 -16.81 -9.07
C LEU A 260 14.68 -15.77 -7.98
N ALA A 261 14.26 -14.57 -8.38
CA ALA A 261 14.04 -13.46 -7.46
C ALA A 261 13.01 -13.79 -6.38
N VAL A 262 11.91 -14.45 -6.76
CA VAL A 262 10.88 -14.83 -5.81
C VAL A 262 11.41 -15.76 -4.72
N GLN A 263 12.28 -16.68 -5.10
CA GLN A 263 12.83 -17.65 -4.15
C GLN A 263 13.94 -17.09 -3.24
N GLN A 264 14.84 -16.29 -3.83
CA GLN A 264 15.99 -15.72 -3.11
C GLN A 264 15.70 -14.44 -2.33
N GLU A 265 14.72 -13.68 -2.78
CA GLU A 265 14.38 -12.39 -2.17
C GLU A 265 13.02 -12.37 -1.46
N LEU A 266 11.96 -12.75 -2.18
CA LEU A 266 10.60 -12.68 -1.65
C LEU A 266 10.22 -13.71 -0.57
N LEU A 267 10.38 -14.99 -0.87
CA LEU A 267 10.01 -16.05 0.07
C LEU A 267 10.67 -15.94 1.44
N PRO A 268 11.95 -15.52 1.50
CA PRO A 268 12.58 -15.39 2.84
C PRO A 268 11.96 -14.21 3.61
N GLN A 269 11.58 -13.16 2.90
CA GLN A 269 10.92 -12.02 3.53
C GLN A 269 9.56 -12.47 4.06
N VAL A 270 8.82 -13.20 3.23
CA VAL A 270 7.50 -13.69 3.61
C VAL A 270 7.61 -14.65 4.77
N ARG A 271 8.67 -15.46 4.76
CA ARG A 271 8.92 -16.42 5.83
C ARG A 271 9.25 -15.73 7.15
N ALA A 272 9.83 -14.53 7.08
CA ALA A 272 10.18 -13.79 8.28
C ALA A 272 8.94 -13.27 9.00
N VAL A 273 7.85 -13.05 8.28
CA VAL A 273 6.62 -12.55 8.90
C VAL A 273 5.66 -13.66 9.35
N THR A 274 5.58 -14.74 8.59
CA THR A 274 4.74 -15.90 8.94
C THR A 274 5.32 -17.19 8.38
N PRO A 275 5.42 -18.24 9.22
CA PRO A 275 5.98 -19.51 8.76
C PRO A 275 5.13 -20.27 7.74
N PHE A 276 5.79 -21.07 6.92
CA PHE A 276 5.12 -21.93 5.92
C PHE A 276 6.03 -23.13 5.58
N SER A 277 5.41 -24.21 5.08
CA SER A 277 6.12 -25.44 4.74
C SER A 277 7.13 -25.35 3.60
N ASP A 278 8.23 -26.10 3.77
CA ASP A 278 9.29 -26.19 2.76
C ASP A 278 9.08 -27.39 1.86
N ASP A 279 7.98 -28.10 2.08
CA ASP A 279 7.63 -29.26 1.29
C ASP A 279 7.08 -28.83 -0.07
N ALA A 280 7.84 -29.08 -1.13
CA ALA A 280 7.40 -28.70 -2.48
C ALA A 280 6.05 -29.32 -2.85
N GLY A 281 5.75 -30.49 -2.30
CA GLY A 281 4.51 -31.22 -2.56
C GLY A 281 3.20 -30.49 -2.28
N ARG A 282 3.24 -29.47 -1.44
CA ARG A 282 2.03 -28.68 -1.15
C ARG A 282 2.23 -27.19 -1.40
N THR A 283 3.26 -26.86 -2.18
CA THR A 283 3.58 -25.50 -2.51
C THR A 283 2.97 -25.22 -3.87
N VAL A 284 2.02 -24.29 -3.89
CA VAL A 284 1.32 -23.97 -5.11
C VAL A 284 1.76 -22.69 -5.79
N VAL A 285 1.73 -22.73 -7.11
CA VAL A 285 1.98 -21.58 -7.93
C VAL A 285 0.75 -21.64 -8.86
N ALA A 286 -0.07 -20.60 -8.79
CA ALA A 286 -1.28 -20.53 -9.59
C ALA A 286 -1.30 -19.26 -10.41
N GLY A 287 -1.75 -19.37 -11.66
CA GLY A 287 -1.81 -18.21 -12.54
C GLY A 287 -2.71 -18.43 -13.74
N GLN A 288 -3.08 -17.33 -14.42
CA GLN A 288 -3.93 -17.39 -15.58
C GLN A 288 -3.27 -16.73 -16.78
N SER A 289 -3.51 -17.29 -17.96
CA SER A 289 -2.98 -16.75 -19.21
C SER A 289 -1.44 -16.80 -19.12
N PHE A 290 -0.71 -15.69 -19.25
CA PHE A 290 0.75 -15.77 -19.10
C PHE A 290 1.10 -16.28 -17.71
N GLY A 291 0.19 -16.08 -16.75
CA GLY A 291 0.38 -16.54 -15.38
C GLY A 291 0.39 -18.06 -15.30
N GLY A 292 -0.39 -18.69 -16.18
CA GLY A 292 -0.49 -20.15 -16.22
C GLY A 292 0.77 -20.75 -16.82
N LEU A 293 1.26 -20.09 -17.85
CA LEU A 293 2.48 -20.49 -18.52
C LEU A 293 3.64 -20.36 -17.55
N SER A 294 3.68 -19.24 -16.85
CA SER A 294 4.75 -18.97 -15.89
C SER A 294 4.70 -19.97 -14.71
N ALA A 295 3.51 -20.32 -14.25
CA ALA A 295 3.39 -21.25 -13.10
C ALA A 295 3.91 -22.65 -13.47
N LEU A 296 3.59 -23.14 -14.66
CA LEU A 296 4.07 -24.45 -15.09
C LEU A 296 5.59 -24.36 -15.26
N TYR A 297 6.04 -23.29 -15.92
CA TYR A 297 7.46 -23.05 -16.12
C TYR A 297 8.19 -23.13 -14.78
N ALA A 298 7.60 -22.55 -13.75
CA ALA A 298 8.18 -22.56 -12.39
C ALA A 298 8.27 -23.99 -11.87
N GLY A 299 7.16 -24.72 -11.94
CA GLY A 299 7.12 -26.11 -11.48
C GLY A 299 8.08 -27.00 -12.25
N LEU A 300 8.18 -26.75 -13.56
CA LEU A 300 9.07 -27.52 -14.41
C LEU A 300 10.55 -27.26 -14.13
N ASN A 301 10.92 -26.01 -13.85
CA ASN A 301 12.32 -25.67 -13.58
C ASN A 301 12.77 -25.78 -12.11
N TRP A 302 11.86 -25.56 -11.17
CA TRP A 302 12.18 -25.64 -9.74
C TRP A 302 11.16 -26.51 -8.99
N PRO A 303 11.10 -27.81 -9.34
CA PRO A 303 10.13 -28.71 -8.71
C PRO A 303 10.42 -28.99 -7.24
N THR A 304 11.65 -28.68 -6.82
CA THR A 304 12.07 -28.87 -5.43
C THR A 304 11.47 -27.80 -4.53
N ARG A 305 10.96 -26.73 -5.13
CA ARG A 305 10.34 -25.63 -4.41
C ARG A 305 8.85 -25.48 -4.76
N PHE A 306 8.51 -25.69 -6.02
CA PHE A 306 7.12 -25.55 -6.47
C PHE A 306 6.64 -26.88 -7.07
N GLY A 307 5.99 -27.69 -6.25
CA GLY A 307 5.50 -29.00 -6.67
C GLY A 307 4.09 -29.03 -7.21
N CYS A 308 3.33 -27.97 -6.97
CA CYS A 308 1.94 -27.90 -7.42
C CYS A 308 1.74 -26.74 -8.38
N VAL A 309 1.22 -27.04 -9.56
CA VAL A 309 0.95 -26.02 -10.57
C VAL A 309 -0.54 -25.93 -10.85
N LEU A 310 -1.02 -24.70 -11.00
CA LEU A 310 -2.39 -24.43 -11.35
C LEU A 310 -2.39 -23.45 -12.52
N SER A 311 -2.54 -23.99 -13.72
CA SER A 311 -2.58 -23.18 -14.93
C SER A 311 -4.00 -23.10 -15.49
N GLN A 312 -4.51 -21.87 -15.55
CA GLN A 312 -5.85 -21.61 -16.07
C GLN A 312 -5.65 -20.83 -17.36
N SER A 313 -6.20 -21.35 -18.47
CA SER A 313 -6.06 -20.72 -19.79
C SER A 313 -4.60 -20.39 -20.10
N GLY A 314 -3.72 -21.32 -19.78
CA GLY A 314 -2.28 -21.16 -20.00
C GLY A 314 -1.92 -20.76 -21.41
N SER A 315 -1.09 -19.74 -21.54
CA SER A 315 -0.65 -19.24 -22.84
C SER A 315 0.49 -20.12 -23.38
N PHE A 316 0.18 -21.39 -23.64
CA PHE A 316 1.16 -22.35 -24.14
C PHE A 316 1.36 -22.25 -25.64
N TRP A 317 0.77 -21.22 -26.23
CA TRP A 317 0.94 -20.91 -27.65
C TRP A 317 2.12 -19.94 -27.76
N TRP A 318 2.55 -19.37 -26.63
CA TRP A 318 3.67 -18.44 -26.58
C TRP A 318 4.91 -19.13 -27.17
N PRO A 319 5.81 -18.37 -27.82
CA PRO A 319 5.78 -16.91 -28.07
C PRO A 319 4.90 -16.41 -29.22
N HIS A 320 4.51 -17.30 -30.13
CA HIS A 320 3.69 -16.89 -31.27
C HIS A 320 2.24 -17.41 -31.16
N ARG A 321 1.32 -16.47 -31.03
CA ARG A 321 -0.12 -16.75 -30.89
C ARG A 321 -0.71 -17.37 -32.15
N ILE A 322 -0.26 -16.90 -33.31
CA ILE A 322 -0.77 -17.39 -34.59
C ILE A 322 -0.59 -18.91 -34.75
N THR A 323 0.40 -19.46 -34.03
CA THR A 323 0.66 -20.91 -34.06
C THR A 323 0.36 -21.49 -32.66
N PRO A 324 -0.87 -22.05 -32.48
CA PRO A 324 -1.29 -22.61 -31.18
C PRO A 324 -0.57 -23.86 -30.65
N PRO A 325 -0.42 -24.92 -31.48
CA PRO A 325 0.23 -26.13 -30.95
C PRO A 325 1.70 -25.95 -30.54
N GLU A 326 2.46 -25.15 -31.27
CA GLU A 326 3.87 -24.92 -30.93
C GLU A 326 4.01 -23.92 -29.78
N GLY A 327 4.86 -24.25 -28.82
CA GLY A 327 5.12 -23.40 -27.66
C GLY A 327 6.53 -23.59 -27.14
N GLU A 328 7.02 -22.62 -26.37
CA GLU A 328 8.38 -22.69 -25.82
C GLU A 328 8.46 -23.80 -24.78
N VAL A 329 7.52 -23.81 -23.85
CA VAL A 329 7.48 -24.83 -22.80
C VAL A 329 7.20 -26.22 -23.39
N ILE A 330 6.39 -26.25 -24.46
CA ILE A 330 6.04 -27.50 -25.13
C ILE A 330 7.26 -28.10 -25.84
N THR A 331 8.19 -27.23 -26.24
CA THR A 331 9.42 -27.66 -26.93
C THR A 331 10.44 -28.28 -25.96
N ARG A 332 10.58 -27.67 -24.78
CA ARG A 332 11.53 -28.16 -23.76
C ARG A 332 11.18 -29.57 -23.29
N LEU A 333 9.88 -29.81 -23.07
CA LEU A 333 9.39 -31.12 -22.63
C LEU A 333 9.53 -32.15 -23.75
N LYS A 334 9.30 -31.69 -24.99
CA LYS A 334 9.39 -32.55 -26.17
C LYS A 334 10.81 -33.09 -26.37
N THR A 335 11.82 -32.26 -26.12
CA THR A 335 13.22 -32.68 -26.27
C THR A 335 13.69 -33.44 -25.03
N GLY A 336 13.45 -32.86 -23.85
CA GLY A 336 13.84 -33.50 -22.59
C GLY A 336 14.53 -32.60 -21.56
N ALA A 337 14.69 -31.32 -21.88
CA ALA A 337 15.33 -30.38 -20.96
C ALA A 337 14.54 -30.22 -19.66
N LEU A 338 13.21 -30.25 -19.77
CA LEU A 338 12.32 -30.14 -18.62
C LEU A 338 11.41 -31.35 -18.55
N CYS A 339 10.92 -31.66 -17.35
CA CYS A 339 10.02 -32.80 -17.15
C CYS A 339 9.26 -32.67 -15.84
N ALA A 340 7.95 -32.91 -15.89
CA ALA A 340 7.11 -32.84 -14.71
C ALA A 340 7.24 -34.13 -13.93
N ARG A 341 8.15 -34.15 -12.96
CA ARG A 341 8.39 -35.34 -12.14
C ARG A 341 8.09 -35.04 -10.67
N GLY A 342 7.03 -35.64 -10.16
CA GLY A 342 6.60 -35.43 -8.78
C GLY A 342 5.65 -34.25 -8.65
N LEU A 343 5.40 -33.57 -9.77
CA LEU A 343 4.51 -32.43 -9.78
C LEU A 343 3.05 -32.83 -9.86
N ARG A 344 2.19 -32.05 -9.23
CA ARG A 344 0.75 -32.27 -9.31
C ARG A 344 0.33 -31.07 -10.16
N ILE A 345 -0.35 -31.31 -11.28
CA ILE A 345 -0.70 -30.22 -12.17
C ILE A 345 -2.18 -30.17 -12.52
N VAL A 346 -2.77 -28.99 -12.33
CA VAL A 346 -4.15 -28.75 -12.69
C VAL A 346 -4.01 -27.92 -13.97
N LEU A 347 -4.57 -28.41 -15.06
CA LEU A 347 -4.45 -27.74 -16.33
C LEU A 347 -5.87 -27.46 -16.80
N GLU A 348 -6.25 -26.19 -16.72
CA GLU A 348 -7.58 -25.74 -17.10
C GLU A 348 -7.57 -24.85 -18.32
N ALA A 349 -8.61 -24.97 -19.13
CA ALA A 349 -8.79 -24.18 -20.34
C ALA A 349 -10.24 -24.29 -20.78
N GLY A 350 -10.76 -23.22 -21.38
CA GLY A 350 -12.14 -23.18 -21.81
C GLY A 350 -12.33 -23.50 -23.28
N VAL A 351 -13.48 -24.08 -23.62
CA VAL A 351 -13.81 -24.44 -25.00
C VAL A 351 -14.12 -23.19 -25.84
N ARG A 352 -14.33 -22.06 -25.18
CA ARG A 352 -14.60 -20.78 -25.84
C ARG A 352 -13.31 -19.99 -26.12
N GLU A 353 -12.16 -20.64 -26.03
CA GLU A 353 -10.86 -20.03 -26.35
C GLU A 353 -10.08 -21.10 -27.09
N PRO A 354 -10.52 -21.41 -28.33
CA PRO A 354 -9.98 -22.44 -29.22
C PRO A 354 -8.47 -22.53 -29.28
N ILE A 355 -7.82 -21.42 -29.58
CA ILE A 355 -6.37 -21.39 -29.70
C ILE A 355 -5.76 -21.88 -28.39
N VAL A 356 -6.15 -21.25 -27.29
CA VAL A 356 -5.64 -21.61 -25.98
C VAL A 356 -6.02 -23.05 -25.63
N PHE A 357 -7.28 -23.42 -25.87
CA PHE A 357 -7.75 -24.76 -25.58
C PHE A 357 -6.94 -25.84 -26.33
N GLN A 358 -6.75 -25.66 -27.63
CA GLN A 358 -5.98 -26.61 -28.42
C GLN A 358 -4.54 -26.67 -27.92
N ALA A 359 -4.00 -25.52 -27.57
CA ALA A 359 -2.64 -25.44 -27.07
C ALA A 359 -2.53 -26.26 -25.77
N ASN A 360 -3.51 -26.14 -24.89
CA ASN A 360 -3.47 -26.90 -23.64
C ASN A 360 -3.64 -28.40 -23.82
N GLN A 361 -4.35 -28.82 -24.85
CA GLN A 361 -4.52 -30.25 -25.16
C GLN A 361 -3.19 -30.85 -25.59
N ALA A 362 -2.49 -30.16 -26.47
CA ALA A 362 -1.18 -30.61 -26.94
C ALA A 362 -0.21 -30.67 -25.77
N LEU A 363 -0.29 -29.67 -24.88
CA LEU A 363 0.57 -29.65 -23.72
C LEU A 363 0.29 -30.86 -22.85
N TYR A 364 -1.00 -31.16 -22.66
CA TYR A 364 -1.42 -32.31 -21.85
C TYR A 364 -0.88 -33.63 -22.40
N ALA A 365 -1.03 -33.84 -23.70
CA ALA A 365 -0.56 -35.07 -24.34
C ALA A 365 0.95 -35.25 -24.14
N GLN A 366 1.70 -34.17 -24.29
CA GLN A 366 3.16 -34.18 -24.15
C GLN A 366 3.65 -34.63 -22.78
N LEU A 367 3.22 -33.92 -21.74
CA LEU A 367 3.68 -34.22 -20.39
C LEU A 367 2.96 -35.40 -19.70
N ASN A 368 1.78 -35.77 -20.18
CA ASN A 368 1.03 -36.88 -19.57
C ASN A 368 1.77 -38.21 -19.57
N THR A 369 2.56 -38.43 -18.52
CA THR A 369 3.27 -39.69 -18.33
C THR A 369 2.82 -40.18 -16.95
N SER A 370 3.41 -41.29 -16.50
CA SER A 370 3.05 -41.86 -15.21
C SER A 370 3.73 -41.16 -14.03
N GLN A 371 4.84 -40.48 -14.30
CA GLN A 371 5.64 -39.84 -13.24
C GLN A 371 5.10 -38.54 -12.65
N GLN A 372 3.82 -38.24 -12.88
CA GLN A 372 3.22 -37.04 -12.32
C GLN A 372 1.69 -37.13 -12.32
N SER A 373 1.06 -36.36 -11.45
CA SER A 373 -0.39 -36.33 -11.32
C SER A 373 -0.92 -35.09 -12.05
N ILE A 374 -1.66 -35.30 -13.14
CA ILE A 374 -2.21 -34.21 -13.94
C ILE A 374 -3.74 -34.21 -13.90
N PHE A 375 -4.34 -33.06 -13.64
CA PHE A 375 -5.79 -32.92 -13.59
C PHE A 375 -6.28 -32.07 -14.75
N TRP A 376 -6.88 -32.69 -15.76
CA TRP A 376 -7.40 -31.93 -16.90
C TRP A 376 -8.81 -31.44 -16.60
N ARG A 377 -9.04 -30.14 -16.77
N ARG A 377 -9.03 -30.13 -16.77
CA ARG A 377 -10.36 -29.54 -16.52
CA ARG A 377 -10.33 -29.51 -16.53
C ARG A 377 -10.81 -28.65 -17.68
C ARG A 377 -10.78 -28.66 -17.71
N GLN A 378 -11.88 -29.06 -18.35
CA GLN A 378 -12.45 -28.32 -19.48
C GLN A 378 -13.54 -27.45 -18.91
N VAL A 379 -13.60 -26.21 -19.35
CA VAL A 379 -14.59 -25.27 -18.87
C VAL A 379 -15.46 -24.76 -20.02
N ASP A 380 -16.77 -24.76 -19.79
CA ASP A 380 -17.71 -24.24 -20.78
C ASP A 380 -17.72 -22.74 -20.52
N GLY A 381 -16.74 -22.07 -21.12
CA GLY A 381 -16.53 -20.63 -20.99
C GLY A 381 -15.22 -20.32 -21.70
N GLY A 382 -14.67 -19.12 -21.48
CA GLY A 382 -13.43 -18.74 -22.17
C GLY A 382 -12.31 -18.10 -21.37
N HIS A 383 -11.61 -17.18 -22.03
CA HIS A 383 -10.48 -16.44 -21.45
C HIS A 383 -11.16 -15.38 -20.58
N ASP A 384 -11.73 -15.84 -19.47
CA ASP A 384 -12.58 -15.00 -18.65
C ASP A 384 -12.33 -15.16 -17.15
N ALA A 385 -12.00 -14.06 -16.45
CA ALA A 385 -11.74 -14.11 -14.99
C ALA A 385 -12.98 -14.51 -14.15
N LEU A 386 -14.18 -14.34 -14.68
CA LEU A 386 -15.37 -14.76 -13.96
C LEU A 386 -15.34 -16.30 -13.81
N CYS A 387 -14.86 -17.00 -14.83
CA CYS A 387 -14.76 -18.45 -14.78
C CYS A 387 -13.53 -18.85 -13.98
N TRP A 388 -12.41 -18.17 -14.23
CA TRP A 388 -11.18 -18.51 -13.53
C TRP A 388 -11.32 -18.42 -12.01
N ARG A 389 -12.08 -17.47 -11.52
CA ARG A 389 -12.20 -17.33 -10.06
C ARG A 389 -12.64 -18.64 -9.41
N GLY A 390 -13.55 -19.36 -10.08
CA GLY A 390 -14.05 -20.64 -9.56
C GLY A 390 -13.05 -21.75 -9.71
N GLY A 391 -12.32 -21.74 -10.82
CA GLY A 391 -11.32 -22.77 -11.07
C GLY A 391 -10.12 -22.58 -10.17
N LEU A 392 -9.94 -21.35 -9.70
CA LEU A 392 -8.84 -21.04 -8.83
C LEU A 392 -9.07 -21.79 -7.51
N THR A 393 -10.27 -21.66 -6.94
CA THR A 393 -10.57 -22.31 -5.67
C THR A 393 -10.68 -23.82 -5.82
N GLN A 394 -11.26 -24.26 -6.93
CA GLN A 394 -11.40 -25.71 -7.18
C GLN A 394 -10.02 -26.33 -7.40
N GLY A 395 -9.15 -25.59 -8.08
CA GLY A 395 -7.80 -26.04 -8.36
C GLY A 395 -6.98 -26.24 -7.12
N LEU A 396 -7.13 -25.35 -6.14
CA LEU A 396 -6.42 -25.47 -4.86
C LEU A 396 -6.89 -26.72 -4.12
N LEU A 398 -8.01 -29.47 -5.53
CA LEU A 398 -7.41 -30.61 -6.22
C LEU A 398 -5.95 -30.75 -5.86
N LEU A 399 -5.20 -29.66 -6.02
CA LEU A 399 -3.77 -29.69 -5.69
C LEU A 399 -3.50 -30.07 -4.22
N TRP A 400 -4.39 -29.67 -3.32
CA TRP A 400 -4.20 -30.00 -1.90
C TRP A 400 -5.11 -31.12 -1.41
N GLN A 401 -5.72 -31.85 -2.34
CA GLN A 401 -6.62 -32.95 -1.97
C GLN A 401 -6.03 -33.92 -0.93
N PRO A 402 -4.74 -34.30 -1.06
CA PRO A 402 -4.17 -35.23 -0.07
C PRO A 402 -4.21 -34.71 1.37
N LEU A 403 -3.82 -33.45 1.59
CA LEU A 403 -3.86 -32.85 2.92
C LEU A 403 -5.28 -32.69 3.41
N ILE A 404 -6.13 -32.14 2.55
CA ILE A 404 -7.54 -31.89 2.88
C ILE A 404 -8.25 -33.13 3.39
N ASP A 405 -7.89 -34.30 2.86
CA ASP A 405 -8.52 -35.56 3.28
C ASP A 405 -8.28 -35.87 4.77
N THR A 406 -7.24 -35.28 5.37
CA THR A 406 -6.95 -35.51 6.79
C THR A 406 -7.78 -34.59 7.68
N SER B 12 36.83 29.58 -5.05
CA SER B 12 37.26 28.87 -6.30
C SER B 12 36.63 27.47 -6.38
N GLU B 13 36.85 26.76 -7.48
CA GLU B 13 36.29 25.43 -7.67
C GLU B 13 36.91 24.38 -6.74
N ALA B 14 38.18 24.57 -6.38
CA ALA B 14 38.88 23.66 -5.48
C ALA B 14 38.55 23.98 -4.01
N TRP B 15 38.06 25.19 -3.79
CA TRP B 15 37.67 25.65 -2.45
C TRP B 15 36.38 24.96 -2.00
N TRP B 16 35.51 24.61 -2.95
CA TRP B 16 34.25 23.92 -2.65
C TRP B 16 34.44 22.43 -2.35
N ARG B 17 35.59 21.87 -2.73
CA ARG B 17 35.90 20.47 -2.50
C ARG B 17 36.00 20.21 -0.98
N THR B 18 36.45 21.23 -0.25
CA THR B 18 36.62 21.13 1.20
C THR B 18 35.29 21.23 1.96
N LYS B 19 34.37 22.05 1.43
CA LYS B 19 33.05 22.21 2.06
C LYS B 19 32.11 21.01 1.84
N THR B 20 31.62 20.47 2.96
CA THR B 20 30.68 19.34 2.93
C THR B 20 29.46 19.66 3.80
N GLY B 21 29.21 20.95 4.04
CA GLY B 21 28.09 21.38 4.87
C GLY B 21 28.52 22.46 5.85
N PRO B 22 27.63 22.80 6.80
CA PRO B 22 27.94 23.83 7.79
C PRO B 22 29.15 23.51 8.66
N GLU B 23 29.87 24.56 9.06
CA GLU B 23 31.04 24.45 9.90
C GLU B 23 30.85 25.22 11.18
N TRP B 24 31.55 24.80 12.22
CA TRP B 24 31.43 25.40 13.54
C TRP B 24 32.78 25.58 14.24
N ILE B 25 32.80 26.52 15.18
CA ILE B 25 33.96 26.82 15.97
C ILE B 25 33.47 26.99 17.39
N ARG B 26 34.12 26.34 18.35
CA ARG B 26 33.71 26.48 19.74
C ARG B 26 34.26 27.80 20.28
N GLU B 27 33.37 28.62 20.82
CA GLU B 27 33.76 29.91 21.38
C GLU B 27 34.06 29.81 22.86
N LYS B 28 34.71 30.84 23.35
CA LYS B 28 35.15 30.95 24.74
C LYS B 28 34.05 30.71 25.78
N ASP B 29 32.81 31.10 25.48
CA ASP B 29 31.72 30.91 26.46
C ASP B 29 30.99 29.55 26.36
N GLY B 30 31.52 28.65 25.54
CA GLY B 30 30.92 27.32 25.40
C GLY B 30 30.02 27.11 24.19
N ASN B 31 29.45 28.21 23.68
CA ASN B 31 28.58 28.15 22.51
C ASN B 31 29.41 28.06 21.23
N TYR B 32 28.73 27.75 20.13
CA TYR B 32 29.40 27.60 18.84
C TYR B 32 29.04 28.69 17.86
N ARG B 33 30.01 29.02 17.03
CA ARG B 33 29.82 30.00 15.97
C ARG B 33 29.73 29.12 14.72
N VAL B 34 28.54 29.01 14.17
CA VAL B 34 28.29 28.17 13.01
C VAL B 34 28.16 29.00 11.74
N THR B 35 28.70 28.48 10.65
CA THR B 35 28.67 29.15 9.35
C THR B 35 28.07 28.22 8.29
N PHE B 36 27.14 28.75 7.50
CA PHE B 36 26.49 27.98 6.44
C PHE B 36 26.99 28.46 5.10
N TRP B 37 27.12 27.53 4.16
CA TRP B 37 27.59 27.85 2.81
C TRP B 37 26.61 27.39 1.74
N TRP B 38 26.64 28.07 0.58
CA TRP B 38 25.80 27.73 -0.55
C TRP B 38 26.38 28.28 -1.85
N ARG B 39 26.75 27.38 -2.76
N ARG B 39 26.73 27.38 -2.76
CA ARG B 39 27.31 27.78 -4.05
CA ARG B 39 27.29 27.75 -4.05
C ARG B 39 26.17 28.11 -5.01
C ARG B 39 26.17 28.11 -5.01
N ASP B 40 26.30 29.22 -5.73
CA ASP B 40 25.28 29.64 -6.68
C ASP B 40 25.59 28.93 -7.99
N PRO B 41 24.69 28.01 -8.43
CA PRO B 41 24.94 27.27 -9.67
C PRO B 41 24.83 28.13 -10.94
N GLN B 42 24.17 29.29 -10.83
CA GLN B 42 24.01 30.19 -11.97
C GLN B 42 25.12 31.25 -12.00
N GLY B 43 26.35 30.82 -11.75
CA GLY B 43 27.51 31.71 -11.77
C GLY B 43 27.59 32.76 -10.68
N ASN B 44 28.35 33.81 -10.97
CA ASN B 44 28.55 34.93 -10.05
C ASN B 44 27.46 36.00 -10.20
N GLU B 45 27.62 37.12 -9.49
CA GLU B 45 26.65 38.22 -9.54
C GLU B 45 26.47 38.83 -10.94
N THR B 46 27.48 38.76 -11.80
CA THR B 46 27.36 39.32 -13.15
C THR B 46 26.53 38.40 -14.07
N HIS B 47 26.33 37.16 -13.64
CA HIS B 47 25.54 36.17 -14.40
C HIS B 47 24.28 35.72 -13.65
N SER B 48 24.39 35.61 -12.33
CA SER B 48 23.28 35.16 -11.49
C SER B 48 22.24 36.25 -11.21
N PRO B 49 20.95 35.86 -11.10
CA PRO B 49 19.87 36.77 -10.79
C PRO B 49 19.40 36.63 -9.34
N ILE B 50 20.02 35.72 -8.58
CA ILE B 50 19.65 35.47 -7.18
C ILE B 50 19.75 36.75 -6.35
N ARG B 51 18.63 37.11 -5.72
CA ARG B 51 18.52 38.33 -4.93
C ARG B 51 18.59 38.07 -3.42
N ARG B 52 18.17 36.89 -2.98
CA ARG B 52 18.13 36.50 -1.57
C ARG B 52 18.27 34.97 -1.40
N VAL B 53 18.94 34.55 -0.33
CA VAL B 53 19.13 33.13 -0.01
C VAL B 53 18.77 32.95 1.46
N TRP B 54 17.49 32.64 1.72
CA TRP B 54 17.02 32.52 3.09
C TRP B 54 17.52 31.24 3.77
N VAL B 55 17.85 31.37 5.06
CA VAL B 55 18.33 30.28 5.89
C VAL B 55 17.20 29.98 6.86
N TYR B 56 16.50 28.89 6.61
CA TYR B 56 15.38 28.50 7.44
C TYR B 56 15.80 27.38 8.37
N ILE B 57 16.06 27.72 9.63
CA ILE B 57 16.50 26.77 10.65
C ILE B 57 15.38 26.63 11.63
N THR B 58 14.83 25.44 11.76
CA THR B 58 13.69 25.22 12.65
C THR B 58 14.03 25.67 14.07
N GLY B 59 13.14 26.49 14.64
CA GLY B 59 13.31 26.99 16.00
C GLY B 59 14.39 28.07 16.16
N VAL B 60 15.11 28.39 15.11
CA VAL B 60 16.16 29.42 15.21
C VAL B 60 15.90 30.68 14.38
N THR B 61 15.50 30.51 13.12
CA THR B 61 15.29 31.64 12.22
C THR B 61 13.90 31.69 11.59
N ASP B 62 12.97 30.94 12.15
CA ASP B 62 11.60 30.89 11.64
C ASP B 62 10.67 31.67 12.56
N HIS B 63 9.37 31.53 12.33
CA HIS B 63 8.34 32.22 13.10
C HIS B 63 8.32 31.91 14.61
N HIS B 64 8.84 30.73 15.01
CA HIS B 64 8.85 30.35 16.43
C HIS B 64 9.59 31.33 17.32
N GLN B 65 10.67 31.93 16.81
CA GLN B 65 11.47 32.89 17.55
C GLN B 65 11.23 34.33 17.09
N ASN B 66 10.20 34.55 16.28
CA ASN B 66 9.92 35.90 15.76
C ASN B 66 11.24 36.49 15.28
N ALA B 67 12.03 35.67 14.60
CA ALA B 67 13.32 36.09 14.09
C ALA B 67 13.14 36.79 12.76
N GLN B 68 13.98 37.79 12.51
CA GLN B 68 13.91 38.53 11.27
C GLN B 68 14.42 37.60 10.17
N PRO B 69 13.67 37.50 9.06
CA PRO B 69 14.09 36.65 7.96
C PRO B 69 15.58 36.81 7.68
N GLN B 70 16.33 35.75 7.94
CA GLN B 70 17.78 35.75 7.75
C GLN B 70 18.13 35.23 6.37
N THR B 71 19.00 35.95 5.70
CA THR B 71 19.43 35.60 4.36
C THR B 71 20.94 35.60 4.33
N ALA B 73 24.61 36.35 2.30
CA ALA B 73 25.15 37.41 1.48
C ALA B 73 26.37 36.87 0.79
N ARG B 74 26.53 37.16 -0.49
CA ARG B 74 27.68 36.67 -1.21
C ARG B 74 28.90 37.52 -0.91
N ILE B 75 30.04 36.85 -0.75
CA ILE B 75 31.29 37.54 -0.52
C ILE B 75 31.65 38.14 -1.88
N ALA B 76 31.37 39.44 -2.03
CA ALA B 76 31.60 40.18 -3.27
C ALA B 76 32.80 39.66 -4.08
N GLY B 77 32.52 39.13 -5.27
CA GLY B 77 33.56 38.61 -6.16
C GLY B 77 33.31 37.20 -6.66
N THR B 78 32.79 36.34 -5.79
CA THR B 78 32.51 34.93 -6.14
C THR B 78 31.03 34.57 -6.00
N ASP B 79 30.72 33.31 -6.28
CA ASP B 79 29.36 32.78 -6.17
C ASP B 79 29.14 32.10 -4.80
N VAL B 80 29.89 32.55 -3.80
CA VAL B 80 29.80 31.98 -2.46
C VAL B 80 28.84 32.78 -1.57
N TRP B 81 27.81 32.10 -1.08
CA TRP B 81 26.83 32.71 -0.18
C TRP B 81 27.13 32.19 1.22
N ARG B 82 27.12 33.10 2.18
CA ARG B 82 27.46 32.76 3.56
C ARG B 82 26.58 33.45 4.58
N TRP B 83 26.36 32.77 5.70
CA TRP B 83 25.61 33.31 6.81
C TRP B 83 26.10 32.62 8.08
N SER B 84 26.22 33.39 9.16
CA SER B 84 26.70 32.85 10.43
C SER B 84 25.76 33.17 11.57
N THR B 85 25.78 32.34 12.60
CA THR B 85 24.95 32.54 13.79
C THR B 85 25.57 31.79 14.95
N ALA B 86 25.00 32.00 16.13
CA ALA B 86 25.46 31.32 17.34
C ALA B 86 24.47 30.22 17.71
N LEU B 87 24.99 29.03 18.05
CA LEU B 87 24.17 27.90 18.45
C LEU B 87 24.76 27.30 19.71
N SER B 88 23.92 26.76 20.58
CA SER B 88 24.40 26.17 21.83
C SER B 88 25.07 24.82 21.59
N ALA B 89 25.76 24.32 22.59
CA ALA B 89 26.52 23.07 22.50
C ALA B 89 25.71 21.79 22.24
N ASN B 90 24.55 21.67 22.88
CA ASN B 90 23.69 20.49 22.79
C ASN B 90 22.60 20.56 21.71
N TRP B 91 22.69 21.54 20.83
CA TRP B 91 21.66 21.77 19.82
C TRP B 91 21.67 20.87 18.59
N ARG B 92 20.45 20.64 18.09
CA ARG B 92 20.20 19.86 16.88
C ARG B 92 18.94 20.37 16.22
N GLY B 93 18.95 20.39 14.90
CA GLY B 93 17.79 20.85 14.17
C GLY B 93 17.86 20.70 12.67
N SER B 94 16.69 20.82 12.05
CA SER B 94 16.52 20.74 10.62
C SER B 94 16.68 22.14 10.06
N TYR B 95 17.10 22.22 8.80
CA TYR B 95 17.23 23.51 8.15
C TYR B 95 17.18 23.30 6.65
N CYS B 96 16.87 24.38 5.93
CA CYS B 96 16.79 24.33 4.49
C CYS B 96 17.14 25.70 3.92
N PHE B 97 17.53 25.75 2.65
CA PHE B 97 17.85 27.02 2.01
C PHE B 97 16.76 27.38 1.02
N ILE B 98 16.54 28.69 0.84
CA ILE B 98 15.56 29.15 -0.13
C ILE B 98 16.25 30.15 -1.05
N PRO B 99 16.99 29.64 -2.06
CA PRO B 99 17.62 30.52 -3.03
C PRO B 99 16.55 30.99 -4.02
N THR B 100 16.45 32.30 -4.21
CA THR B 100 15.45 32.86 -5.11
C THR B 100 15.82 34.22 -5.69
N GLU B 101 15.04 34.63 -6.68
CA GLU B 101 15.22 35.94 -7.33
C GLU B 101 14.32 36.97 -6.67
N ARG B 102 13.20 36.51 -6.11
CA ARG B 102 12.21 37.37 -5.47
C ARG B 102 12.75 38.16 -4.28
N ASP B 103 12.39 39.44 -4.23
CA ASP B 103 12.80 40.33 -3.14
C ASP B 103 11.60 41.13 -2.57
N ASP B 104 10.40 40.79 -3.04
CA ASP B 104 9.18 41.46 -2.59
C ASP B 104 8.31 40.56 -1.68
N VAL B 105 8.96 39.72 -0.86
CA VAL B 105 8.24 38.85 0.06
C VAL B 105 8.10 39.52 1.42
N PHE B 106 9.21 39.67 2.13
CA PHE B 106 9.20 40.29 3.45
C PHE B 106 9.54 41.77 3.36
N ALA B 107 9.00 42.54 4.29
CA ALA B 107 9.26 43.97 4.33
C ALA B 107 10.61 44.19 5.01
N ALA B 108 11.23 45.34 4.76
CA ALA B 108 12.53 45.65 5.36
C ALA B 108 12.38 45.79 6.87
N PHE B 109 13.18 45.04 7.61
CA PHE B 109 13.15 45.10 9.07
C PHE B 109 14.35 45.84 9.63
N ALA B 110 14.09 46.76 10.56
CA ALA B 110 15.16 47.52 11.21
C ALA B 110 15.85 46.63 12.24
N PRO B 111 17.04 47.05 12.73
CA PRO B 111 17.73 46.23 13.71
C PRO B 111 17.20 46.42 15.13
N GLY B 112 16.24 45.58 15.53
CA GLY B 112 15.68 45.66 16.87
C GLY B 112 14.20 45.30 16.98
N GLU B 113 13.43 45.57 15.92
CA GLU B 113 11.98 45.27 15.95
C GLU B 113 11.68 43.78 15.82
N THR B 114 10.64 43.36 16.54
CA THR B 114 10.20 41.96 16.55
C THR B 114 9.06 41.80 15.54
N PRO B 115 9.32 41.11 14.41
CA PRO B 115 8.29 40.93 13.37
C PRO B 115 7.02 40.22 13.84
N ASP B 116 5.94 40.41 13.08
CA ASP B 116 4.65 39.79 13.39
C ASP B 116 4.74 38.33 12.97
N ARG B 117 4.34 37.43 13.87
CA ARG B 117 4.40 35.99 13.62
C ARG B 117 3.59 35.63 12.37
N ASN B 118 2.42 36.25 12.21
CA ASN B 118 1.56 36.01 11.06
C ASN B 118 2.16 36.50 9.74
N VAL B 119 2.96 37.56 9.81
CA VAL B 119 3.62 38.09 8.61
C VAL B 119 4.72 37.11 8.23
N LEU B 120 5.39 36.56 9.23
CA LEU B 120 6.44 35.57 8.99
C LEU B 120 5.77 34.32 8.41
N ARG B 121 4.69 33.88 9.05
CA ARG B 121 3.92 32.74 8.55
C ARG B 121 3.53 32.96 7.10
N GLU B 122 2.83 34.06 6.87
CA GLU B 122 2.34 34.42 5.53
C GLU B 122 3.52 34.58 4.58
N GLY B 123 4.58 35.22 5.06
CA GLY B 123 5.78 35.43 4.27
C GLY B 123 6.47 34.14 3.87
N TRP B 124 6.63 33.23 4.82
CA TRP B 124 7.30 31.96 4.54
C TRP B 124 6.53 31.01 3.64
N ARG B 125 5.20 30.98 3.75
CA ARG B 125 4.40 30.09 2.88
C ARG B 125 4.62 30.33 1.39
N GLN B 126 5.04 31.54 1.01
CA GLN B 126 5.28 31.88 -0.40
C GLN B 126 6.65 31.43 -0.89
N LEU B 127 7.60 31.29 0.03
CA LEU B 127 8.98 30.90 -0.34
C LEU B 127 9.33 29.45 -0.04
N LEU B 128 8.83 28.93 1.08
CA LEU B 128 9.10 27.53 1.50
C LEU B 128 8.86 26.49 0.40
N PRO B 129 7.90 26.73 -0.50
CA PRO B 129 7.76 25.75 -1.58
C PRO B 129 9.04 25.68 -2.41
N GLN B 130 9.73 26.80 -2.57
CA GLN B 130 10.99 26.86 -3.31
C GLN B 130 12.19 26.37 -2.48
N ALA B 131 11.94 26.02 -1.23
CA ALA B 131 12.98 25.54 -0.33
C ALA B 131 13.67 24.28 -0.85
N ILE B 132 14.98 24.23 -0.67
CA ILE B 132 15.77 23.08 -1.10
C ILE B 132 16.65 22.62 0.06
N ALA B 133 17.08 21.36 0.00
CA ALA B 133 17.96 20.83 1.03
C ALA B 133 19.35 21.40 0.75
N ASP B 134 20.25 21.28 1.71
CA ASP B 134 21.61 21.77 1.52
C ASP B 134 22.27 20.77 0.57
N PRO B 135 22.62 21.21 -0.66
CA PRO B 135 23.22 20.30 -1.64
C PRO B 135 24.56 19.69 -1.21
N LEU B 136 25.25 20.33 -0.27
CA LEU B 136 26.53 19.86 0.22
C LEU B 136 26.34 18.78 1.30
N ASN B 137 25.26 18.93 2.08
CA ASN B 137 24.96 18.00 3.17
C ASN B 137 24.19 16.78 2.65
N SER B 138 24.78 15.60 2.82
CA SER B 138 24.16 14.35 2.37
C SER B 138 23.02 13.90 3.29
N GLN B 139 23.04 14.39 4.52
CA GLN B 139 22.02 14.06 5.51
C GLN B 139 20.76 14.89 5.26
N SER B 140 19.96 14.48 4.29
CA SER B 140 18.72 15.17 3.93
C SER B 140 17.56 14.20 3.74
N TRP B 141 16.33 14.72 3.87
CA TRP B 141 15.11 13.93 3.72
C TRP B 141 13.93 14.83 3.35
N ARG B 142 12.77 14.23 3.08
CA ARG B 142 11.57 14.99 2.76
C ARG B 142 10.98 15.44 4.09
N GLY B 143 10.94 16.75 4.30
CA GLY B 143 10.46 17.34 5.55
C GLY B 143 9.07 16.98 6.00
N GLY B 144 8.19 16.67 5.05
CA GLY B 144 6.81 16.31 5.38
C GLY B 144 5.83 17.43 5.06
N ARG B 145 6.33 18.66 5.07
CA ARG B 145 5.51 19.86 4.77
C ARG B 145 5.66 20.29 3.31
N GLY B 146 6.18 19.39 2.47
CA GLY B 146 6.34 19.68 1.05
C GLY B 146 7.69 20.18 0.57
N HIS B 147 8.75 19.97 1.36
CA HIS B 147 10.10 20.40 0.95
C HIS B 147 11.21 19.65 1.69
N ALA B 148 12.30 19.41 0.98
CA ALA B 148 13.45 18.72 1.55
C ALA B 148 14.11 19.58 2.62
N VAL B 149 14.68 18.92 3.62
CA VAL B 149 15.39 19.57 4.71
C VAL B 149 16.71 18.84 4.95
N SER B 150 17.61 19.46 5.70
CA SER B 150 18.90 18.88 6.01
C SER B 150 19.13 18.89 7.52
N ALA B 151 20.03 18.03 7.99
CA ALA B 151 20.32 17.88 9.42
C ALA B 151 21.63 18.55 9.87
N LEU B 152 21.58 19.15 11.04
CA LEU B 152 22.74 19.81 11.65
C LEU B 152 22.70 19.54 13.15
N GLU B 153 23.84 19.15 13.69
CA GLU B 153 23.97 18.83 15.10
C GLU B 153 25.28 19.39 15.62
N PRO B 155 28.45 19.31 18.37
CA PRO B 155 29.24 18.22 18.98
C PRO B 155 28.66 17.55 20.21
N ASP B 156 27.98 18.32 21.07
CA ASP B 156 27.38 17.77 22.29
C ASP B 156 25.88 17.49 22.17
N ALA B 157 25.38 17.26 20.96
CA ALA B 157 23.97 16.92 20.79
C ALA B 157 23.78 15.53 21.38
N PRO B 158 22.67 15.31 22.10
CA PRO B 158 22.48 13.99 22.69
C PRO B 158 22.41 12.89 21.66
N LEU B 159 22.87 11.70 22.04
CA LEU B 159 22.85 10.55 21.15
C LEU B 159 21.40 10.16 20.85
N GLN B 160 21.15 9.70 19.62
CA GLN B 160 19.80 9.27 19.21
C GLN B 160 19.85 7.75 19.01
N PRO B 161 19.43 6.99 20.04
CA PRO B 161 19.47 5.53 20.02
C PRO B 161 18.86 4.90 18.80
N GLY B 162 19.57 3.92 18.23
CA GLY B 162 19.13 3.20 17.04
C GLY B 162 19.46 3.90 15.73
N TRP B 163 19.29 5.22 15.72
CA TRP B 163 19.56 6.03 14.54
C TRP B 163 21.06 6.13 14.26
N ASP B 164 21.84 5.96 15.33
CA ASP B 164 23.30 6.00 15.25
C ASP B 164 23.81 4.74 14.59
N ARG B 165 23.26 3.60 15.01
CA ARG B 165 23.65 2.29 14.50
C ARG B 165 22.47 1.60 13.82
N PRO B 166 22.03 2.11 12.66
CA PRO B 166 20.88 1.47 12.01
C PRO B 166 21.15 0.03 11.55
N GLU B 167 20.15 -0.83 11.77
N GLU B 167 20.17 -0.84 11.75
CA GLU B 167 20.23 -2.24 11.39
CA GLU B 167 20.29 -2.24 11.36
C GLU B 167 18.98 -2.67 10.65
C GLU B 167 19.00 -2.72 10.68
N THR B 168 19.14 -3.51 9.62
CA THR B 168 17.99 -4.02 8.87
C THR B 168 17.14 -4.94 9.75
N PRO B 169 15.82 -4.65 9.83
CA PRO B 169 14.92 -5.46 10.66
C PRO B 169 14.68 -6.85 10.10
N TYR B 170 14.70 -7.86 10.97
CA TYR B 170 14.49 -9.25 10.53
C TYR B 170 13.11 -9.45 9.88
N SER B 171 12.13 -8.67 10.33
CA SER B 171 10.77 -8.75 9.82
C SER B 171 10.45 -7.51 8.99
N PRO B 172 9.94 -7.71 7.77
CA PRO B 172 9.59 -6.53 6.98
C PRO B 172 8.31 -5.89 7.51
N PRO B 173 8.24 -4.55 7.47
CA PRO B 173 7.03 -3.89 7.93
C PRO B 173 5.87 -4.25 7.01
N LEU B 174 4.69 -4.44 7.60
CA LEU B 174 3.51 -4.79 6.85
C LEU B 174 2.51 -3.66 6.93
N GLN B 177 -4.95 -1.85 5.52
CA GLN B 177 -5.91 -0.81 5.24
C GLN B 177 -7.01 -0.92 6.30
N TRP B 178 -7.09 0.06 7.20
CA TRP B 178 -8.09 0.09 8.28
C TRP B 178 -9.32 0.95 7.96
N HIS B 179 -10.43 0.28 7.67
CA HIS B 179 -11.69 0.93 7.38
C HIS B 179 -12.44 1.04 8.70
N SER B 180 -12.68 2.28 9.15
CA SER B 180 -13.36 2.50 10.41
C SER B 180 -14.83 2.83 10.23
N GLU B 181 -15.68 2.10 10.93
CA GLU B 181 -17.12 2.34 10.90
C GLU B 181 -17.38 3.59 11.75
N ARG B 182 -16.82 3.58 12.95
CA ARG B 182 -16.90 4.67 13.91
C ARG B 182 -16.53 6.02 13.26
N LEU B 183 -15.37 6.08 12.62
CA LEU B 183 -14.90 7.32 11.99
C LEU B 183 -15.48 7.53 10.60
N GLY B 184 -15.83 6.45 9.91
CA GLY B 184 -16.41 6.56 8.57
C GLY B 184 -15.40 6.86 7.49
N ASN B 185 -14.16 6.41 7.68
CA ASN B 185 -13.09 6.63 6.69
C ASN B 185 -12.07 5.47 6.66
N SER B 186 -11.24 5.44 5.62
CA SER B 186 -10.23 4.38 5.43
C SER B 186 -8.81 4.93 5.59
N ARG B 187 -7.91 4.11 6.08
CA ARG B 187 -6.58 4.56 6.40
C ARG B 187 -5.55 3.45 6.39
N ARG B 188 -4.30 3.79 6.07
CA ARG B 188 -3.21 2.82 6.08
C ARG B 188 -2.68 2.73 7.50
N VAL B 189 -2.30 1.52 7.92
CA VAL B 189 -1.69 1.32 9.23
C VAL B 189 -0.53 0.37 8.97
N TRP B 190 0.62 0.63 9.58
CA TRP B 190 1.78 -0.21 9.39
C TRP B 190 2.06 -0.99 10.66
N ILE B 191 2.47 -2.27 10.50
CA ILE B 191 2.77 -3.15 11.63
C ILE B 191 4.19 -3.67 11.55
N LEU B 192 4.89 -3.66 12.67
CA LEU B 192 6.25 -4.20 12.73
C LEU B 192 6.44 -4.96 14.02
N THR B 193 6.94 -6.19 13.92
CA THR B 193 7.20 -7.03 15.09
C THR B 193 8.72 -7.23 15.16
N THR B 194 9.30 -7.02 16.34
CA THR B 194 10.76 -7.14 16.50
C THR B 194 11.22 -8.33 17.35
N GLY B 195 10.34 -9.33 17.48
CA GLY B 195 10.66 -10.52 18.25
C GLY B 195 9.51 -11.50 18.13
N ASP B 196 9.83 -12.79 18.10
CA ASP B 196 8.84 -13.84 17.98
C ASP B 196 8.70 -14.69 19.24
N GLU B 197 9.58 -14.49 20.22
CA GLU B 197 9.50 -15.25 21.45
C GLU B 197 8.36 -14.70 22.31
N ALA B 198 7.62 -15.61 22.97
CA ALA B 198 6.48 -15.24 23.80
C ALA B 198 5.70 -14.09 23.15
N PRO B 199 5.06 -14.38 22.00
CA PRO B 199 4.30 -13.36 21.25
C PRO B 199 3.20 -12.68 22.06
N GLU B 200 2.63 -13.39 23.02
CA GLU B 200 1.54 -12.84 23.82
C GLU B 200 2.01 -11.86 24.89
N GLU B 201 3.31 -11.89 25.22
CA GLU B 201 3.86 -10.98 26.23
C GLU B 201 4.45 -9.70 25.66
N ARG B 202 4.62 -9.67 24.33
CA ARG B 202 5.16 -8.49 23.66
C ARG B 202 4.34 -7.23 23.96
N PRO B 203 5.01 -6.11 24.21
CA PRO B 203 4.29 -4.86 24.40
C PRO B 203 3.87 -4.28 23.06
N LEU B 204 2.71 -3.62 23.03
CA LEU B 204 2.21 -2.93 21.84
C LEU B 204 2.56 -1.46 21.98
N ALA B 205 3.15 -0.89 20.93
CA ALA B 205 3.49 0.52 20.89
C ALA B 205 2.79 1.14 19.69
N ILE B 206 1.87 2.05 19.95
CA ILE B 206 1.14 2.75 18.88
C ILE B 206 1.81 4.08 18.62
N LEU B 207 2.16 4.34 17.35
CA LEU B 207 2.79 5.59 16.94
C LEU B 207 1.88 6.39 16.02
N LEU B 208 1.61 7.63 16.42
CA LEU B 208 0.73 8.50 15.63
C LEU B 208 1.55 9.15 14.49
N ASP B 209 0.87 9.80 13.55
CA ASP B 209 1.56 10.36 12.37
C ASP B 209 2.41 9.25 11.76
N GLY B 210 1.85 8.04 11.74
CA GLY B 210 2.52 6.87 11.20
C GLY B 210 3.13 7.05 9.82
N GLN B 211 2.43 7.79 8.96
CA GLN B 211 2.91 8.03 7.60
C GLN B 211 4.34 8.62 7.61
N PHE B 212 4.61 9.52 8.52
CA PHE B 212 5.93 10.11 8.61
C PHE B 212 7.01 9.12 9.05
N TRP B 213 6.70 8.33 10.07
CA TRP B 213 7.64 7.36 10.64
C TRP B 213 7.80 6.09 9.86
N ALA B 214 6.98 5.91 8.84
CA ALA B 214 7.05 4.73 7.99
C ALA B 214 7.65 5.08 6.65
N GLU B 215 7.58 6.35 6.27
CA GLU B 215 8.04 6.78 4.95
C GLU B 215 9.12 7.87 4.96
N ASN B 216 8.82 9.02 5.53
CA ASN B 216 9.78 10.15 5.52
C ASN B 216 11.05 9.87 6.31
N PRO B 218 11.93 6.61 8.21
CA PRO B 218 11.67 5.24 8.67
C PRO B 218 12.29 4.89 10.02
N VAL B 219 11.44 4.48 10.93
CA VAL B 219 11.83 4.15 12.28
C VAL B 219 12.22 2.67 12.45
N TRP B 220 11.92 1.85 11.43
CA TRP B 220 12.20 0.40 11.50
C TRP B 220 13.68 0.08 11.84
N PRO B 221 14.62 0.61 11.04
CA PRO B 221 16.02 0.28 11.30
C PRO B 221 16.48 0.61 12.71
N ALA B 222 16.10 1.78 13.20
CA ALA B 222 16.46 2.20 14.53
C ALA B 222 15.89 1.26 15.59
N LEU B 223 14.62 0.91 15.45
CA LEU B 223 13.96 0.00 16.38
C LEU B 223 14.60 -1.39 16.36
N ALA B 224 14.94 -1.87 15.16
CA ALA B 224 15.58 -3.18 15.01
C ALA B 224 16.94 -3.22 15.70
N SER B 225 17.75 -2.17 15.49
CA SER B 225 19.09 -2.08 16.09
C SER B 225 19.02 -2.17 17.61
N LEU B 226 18.18 -1.32 18.20
CA LEU B 226 18.03 -1.30 19.66
C LEU B 226 17.56 -2.65 20.18
N THR B 227 16.68 -3.32 19.44
CA THR B 227 16.18 -4.62 19.85
C THR B 227 17.31 -5.66 19.84
N HIS B 228 18.11 -5.65 18.78
N HIS B 228 18.12 -5.66 18.79
CA HIS B 228 19.24 -6.57 18.68
CA HIS B 228 19.22 -6.61 18.71
C HIS B 228 20.22 -6.34 19.83
C HIS B 228 20.25 -6.34 19.81
N GLN B 229 20.40 -5.07 20.21
CA GLN B 229 21.31 -4.70 21.30
C GLN B 229 20.65 -4.96 22.67
N ARG B 230 19.39 -5.42 22.63
N ARG B 230 19.39 -5.40 22.63
CA ARG B 230 18.60 -5.71 23.82
CA ARG B 230 18.62 -5.72 23.83
C ARG B 230 18.36 -4.47 24.67
C ARG B 230 18.35 -4.46 24.68
N LEU B 231 18.14 -3.34 24.00
CA LEU B 231 17.85 -2.06 24.67
C LEU B 231 16.35 -1.79 24.59
N LEU B 232 15.64 -2.64 23.84
CA LEU B 232 14.19 -2.60 23.73
C LEU B 232 13.72 -4.07 23.73
N PRO B 233 12.54 -4.33 24.27
CA PRO B 233 12.05 -5.71 24.25
C PRO B 233 11.39 -6.03 22.92
N GLY B 234 11.28 -7.30 22.57
CA GLY B 234 10.60 -7.66 21.33
C GLY B 234 9.24 -7.03 21.49
N ALA B 235 8.76 -6.33 20.48
CA ALA B 235 7.48 -5.66 20.60
C ALA B 235 6.73 -5.59 19.28
N VAL B 236 5.50 -5.11 19.38
CA VAL B 236 4.64 -4.93 18.22
C VAL B 236 4.42 -3.42 18.06
N TYR B 237 4.86 -2.90 16.92
CA TYR B 237 4.70 -1.48 16.64
C TYR B 237 3.59 -1.29 15.67
N LEU B 238 2.66 -0.41 16.02
CA LEU B 238 1.51 -0.10 15.21
C LEU B 238 1.55 1.38 14.79
N LEU B 239 1.86 1.63 13.52
CA LEU B 239 1.92 3.01 13.02
C LEU B 239 0.60 3.34 12.35
N ILE B 240 -0.02 4.45 12.76
CA ILE B 240 -1.31 4.85 12.21
C ILE B 240 -1.20 6.12 11.37
N ASP B 241 -1.68 6.05 10.11
CA ASP B 241 -1.65 7.18 9.18
C ASP B 241 -2.67 8.23 9.59
N ALA B 242 -2.25 9.49 9.62
CA ALA B 242 -3.13 10.59 9.97
C ALA B 242 -3.92 11.07 8.75
N ILE B 243 -3.61 10.51 7.57
CA ILE B 243 -4.28 10.83 6.31
C ILE B 243 -3.91 12.20 5.76
N ASP B 244 -4.35 13.26 6.41
CA ASP B 244 -4.04 14.62 5.97
C ASP B 244 -4.26 15.63 7.09
N THR B 245 -3.89 16.88 6.84
CA THR B 245 -4.02 17.94 7.84
C THR B 245 -5.45 18.13 8.31
N GLN B 246 -6.39 18.12 7.37
CA GLN B 246 -7.80 18.28 7.72
C GLN B 246 -8.22 17.19 8.73
N HIS B 247 -7.97 15.93 8.38
CA HIS B 247 -8.33 14.80 9.26
C HIS B 247 -7.60 14.82 10.58
N ARG B 248 -6.30 15.05 10.50
CA ARG B 248 -5.41 15.09 11.64
C ARG B 248 -5.82 16.14 12.69
N SER B 249 -6.14 17.35 12.22
CA SER B 249 -6.55 18.44 13.10
C SER B 249 -7.89 18.16 13.80
N GLN B 250 -8.72 17.30 13.21
CA GLN B 250 -10.02 16.96 13.78
C GLN B 250 -10.01 15.69 14.64
N GLU B 251 -9.19 14.70 14.25
CA GLU B 251 -9.17 13.41 14.97
C GLU B 251 -8.21 13.26 16.16
N LEU B 252 -7.06 13.94 16.14
CA LEU B 252 -6.12 13.84 17.25
C LEU B 252 -6.38 14.77 18.45
N PRO B 253 -6.90 16.00 18.24
CA PRO B 253 -7.14 16.89 19.39
C PRO B 253 -8.24 16.47 20.36
N CYS B 254 -7.94 15.52 21.25
CA CYS B 254 -8.89 15.05 22.24
C CYS B 254 -10.26 14.62 21.65
N ASN B 255 -10.21 13.73 20.67
CA ASN B 255 -11.39 13.23 20.02
C ASN B 255 -11.58 11.78 20.47
N ALA B 256 -12.58 11.57 21.32
CA ALA B 256 -12.87 10.25 21.85
C ALA B 256 -13.10 9.18 20.77
N ASP B 257 -13.73 9.55 19.66
CA ASP B 257 -14.02 8.58 18.58
C ASP B 257 -12.79 7.96 17.96
N PHE B 258 -11.72 8.72 17.86
CA PHE B 258 -10.49 8.17 17.27
C PHE B 258 -10.00 7.02 18.15
N TRP B 259 -9.96 7.25 19.46
CA TRP B 259 -9.48 6.21 20.37
C TRP B 259 -10.46 5.08 20.62
N LEU B 260 -11.77 5.36 20.59
CA LEU B 260 -12.77 4.32 20.77
C LEU B 260 -12.70 3.40 19.55
N ALA B 261 -12.49 4.01 18.39
CA ALA B 261 -12.36 3.27 17.14
C ALA B 261 -11.08 2.41 17.20
N VAL B 262 -9.99 3.00 17.66
CA VAL B 262 -8.74 2.27 17.77
C VAL B 262 -8.89 1.05 18.68
N GLN B 263 -9.57 1.19 19.80
CA GLN B 263 -9.71 0.06 20.73
C GLN B 263 -10.69 -1.01 20.26
N GLN B 264 -11.83 -0.58 19.75
CA GLN B 264 -12.91 -1.49 19.31
C GLN B 264 -12.73 -2.07 17.91
N GLU B 265 -12.07 -1.35 17.02
CA GLU B 265 -11.92 -1.80 15.63
C GLU B 265 -10.52 -2.17 15.22
N LEU B 266 -9.55 -1.31 15.51
CA LEU B 266 -8.18 -1.56 15.08
C LEU B 266 -7.44 -2.62 15.90
N LEU B 267 -7.45 -2.51 17.23
CA LEU B 267 -6.71 -3.48 18.06
C LEU B 267 -7.13 -4.95 17.83
N PRO B 268 -8.44 -5.22 17.70
CA PRO B 268 -8.85 -6.61 17.41
C PRO B 268 -8.28 -7.10 16.07
N GLN B 269 -8.31 -6.26 15.04
CA GLN B 269 -7.73 -6.67 13.77
C GLN B 269 -6.23 -6.89 13.90
N VAL B 270 -5.55 -6.05 14.67
CA VAL B 270 -4.11 -6.21 14.86
C VAL B 270 -3.85 -7.52 15.62
N ARG B 271 -4.64 -7.81 16.67
N ARG B 271 -4.69 -7.80 16.63
CA ARG B 271 -4.43 -9.06 17.42
CA ARG B 271 -4.58 -9.01 17.45
C ARG B 271 -4.70 -10.33 16.61
C ARG B 271 -4.68 -10.28 16.60
N ALA B 272 -5.50 -10.22 15.55
CA ALA B 272 -5.76 -11.37 14.67
C ALA B 272 -4.52 -11.67 13.83
N VAL B 273 -3.79 -10.62 13.47
CA VAL B 273 -2.57 -10.75 12.68
C VAL B 273 -1.40 -11.19 13.56
N THR B 274 -1.25 -10.57 14.74
CA THR B 274 -0.14 -10.92 15.63
C THR B 274 -0.46 -10.61 17.10
N PRO B 275 -0.15 -11.56 18.01
CA PRO B 275 -0.44 -11.34 19.44
C PRO B 275 0.36 -10.24 20.13
N PHE B 276 -0.21 -9.67 21.18
CA PHE B 276 0.44 -8.66 21.99
C PHE B 276 -0.21 -8.63 23.37
N SER B 277 0.54 -8.18 24.38
CA SER B 277 0.07 -8.11 25.76
C SER B 277 -1.12 -7.20 26.00
N ASP B 278 -1.96 -7.61 26.95
CA ASP B 278 -3.14 -6.83 27.36
C ASP B 278 -2.82 -5.97 28.57
N ASP B 279 -1.57 -6.05 29.05
CA ASP B 279 -1.12 -5.28 30.21
C ASP B 279 -0.96 -3.80 29.83
N ALA B 280 -1.76 -2.95 30.46
CA ALA B 280 -1.70 -1.52 30.20
C ALA B 280 -0.34 -0.91 30.60
N GLY B 281 0.27 -1.40 31.68
CA GLY B 281 1.56 -0.90 32.14
C GLY B 281 2.69 -1.13 31.16
N ARG B 282 2.35 -1.77 30.04
CA ARG B 282 3.27 -2.15 28.99
C ARG B 282 2.87 -1.61 27.58
N THR B 283 1.66 -1.05 27.48
CA THR B 283 1.13 -0.56 26.21
C THR B 283 1.41 0.92 26.05
N VAL B 284 2.00 1.28 24.91
CA VAL B 284 2.39 2.65 24.63
C VAL B 284 1.68 3.35 23.49
N VAL B 285 1.40 4.63 23.71
CA VAL B 285 0.85 5.51 22.67
C VAL B 285 1.87 6.64 22.64
N ALA B 286 2.44 6.87 21.46
CA ALA B 286 3.45 7.88 21.27
C ALA B 286 3.09 8.81 20.13
N GLY B 287 3.24 10.11 20.34
CA GLY B 287 2.92 11.10 19.31
C GLY B 287 3.61 12.43 19.46
N GLN B 288 3.58 13.24 18.40
CA GLN B 288 4.21 14.56 18.39
C GLN B 288 3.16 15.60 18.05
N SER B 289 3.33 16.82 18.57
CA SER B 289 2.39 17.93 18.29
C SER B 289 0.98 17.50 18.73
N PHE B 290 -0.03 17.58 17.86
CA PHE B 290 -1.37 17.09 18.27
C PHE B 290 -1.30 15.60 18.67
N GLY B 291 -0.32 14.90 18.10
CA GLY B 291 -0.13 13.49 18.40
C GLY B 291 0.23 13.27 19.85
N GLY B 292 1.01 14.19 20.41
CA GLY B 292 1.42 14.11 21.81
C GLY B 292 0.23 14.38 22.70
N LEU B 293 -0.52 15.42 22.37
CA LEU B 293 -1.73 15.78 23.08
C LEU B 293 -2.66 14.58 23.14
N SER B 294 -2.87 13.98 21.97
CA SER B 294 -3.77 12.83 21.82
C SER B 294 -3.27 11.61 22.59
N ALA B 295 -1.96 11.43 22.65
CA ALA B 295 -1.37 10.29 23.34
C ALA B 295 -1.68 10.35 24.84
N LEU B 296 -1.50 11.52 25.45
CA LEU B 296 -1.79 11.68 26.87
C LEU B 296 -3.29 11.65 27.10
N TYR B 297 -4.05 12.13 26.11
CA TYR B 297 -5.50 12.10 26.21
C TYR B 297 -5.95 10.65 26.30
N ALA B 298 -5.28 9.76 25.57
CA ALA B 298 -5.63 8.34 25.57
C ALA B 298 -5.33 7.67 26.90
N GLY B 299 -4.13 7.88 27.42
CA GLY B 299 -3.73 7.28 28.69
C GLY B 299 -4.56 7.77 29.86
N LEU B 300 -4.96 9.04 29.82
CA LEU B 300 -5.77 9.62 30.90
C LEU B 300 -7.21 9.12 30.90
N ASN B 301 -7.79 8.88 29.72
CA ASN B 301 -9.20 8.43 29.65
C ASN B 301 -9.36 6.92 29.62
N TRP B 302 -8.34 6.21 29.12
CA TRP B 302 -8.39 4.75 29.01
C TRP B 302 -7.12 4.09 29.59
N PRO B 303 -6.86 4.31 30.89
CA PRO B 303 -5.67 3.78 31.56
C PRO B 303 -5.63 2.26 31.68
N THR B 304 -6.78 1.61 31.55
CA THR B 304 -6.85 0.16 31.63
C THR B 304 -6.36 -0.50 30.33
N ARG B 305 -6.16 0.33 29.31
CA ARG B 305 -5.67 -0.12 28.00
C ARG B 305 -4.35 0.56 27.66
N PHE B 306 -4.28 1.88 27.81
CA PHE B 306 -3.08 2.65 27.49
C PHE B 306 -2.43 3.22 28.76
N GLY B 307 -1.39 2.56 29.25
CA GLY B 307 -0.71 2.98 30.47
C GLY B 307 0.60 3.69 30.27
N CYS B 308 1.13 3.66 29.06
CA CYS B 308 2.39 4.33 28.76
C CYS B 308 2.20 5.39 27.70
N VAL B 309 2.47 6.64 28.07
CA VAL B 309 2.36 7.77 27.16
C VAL B 309 3.72 8.38 26.87
N LEU B 310 3.94 8.63 25.59
CA LEU B 310 5.14 9.26 25.11
C LEU B 310 4.66 10.45 24.27
N SER B 311 4.66 11.64 24.89
CA SER B 311 4.26 12.88 24.23
C SER B 311 5.49 13.74 23.95
N GLN B 312 5.65 14.16 22.70
CA GLN B 312 6.78 15.00 22.33
C GLN B 312 6.23 16.30 21.77
N SER B 313 6.67 17.43 22.32
CA SER B 313 6.20 18.74 21.88
C SER B 313 4.67 18.76 21.76
N GLY B 314 4.00 18.17 22.76
CA GLY B 314 2.54 18.10 22.77
C GLY B 314 1.84 19.44 22.79
N SER B 315 0.77 19.55 22.01
CA SER B 315 0.00 20.78 21.90
C SER B 315 -1.00 20.93 23.05
N PHE B 316 -0.47 20.99 24.28
CA PHE B 316 -1.33 21.07 25.45
C PHE B 316 -1.96 22.44 25.69
N TRP B 317 -1.69 23.36 24.77
CA TRP B 317 -2.29 24.68 24.77
C TRP B 317 -3.70 24.61 24.19
N TRP B 318 -3.98 23.51 23.48
CA TRP B 318 -5.28 23.31 22.81
C TRP B 318 -6.45 23.45 23.79
N PRO B 319 -7.57 24.03 23.35
CA PRO B 319 -7.94 24.56 22.02
C PRO B 319 -7.30 25.87 21.53
N HIS B 320 -7.05 26.82 22.42
CA HIS B 320 -6.51 28.11 21.99
C HIS B 320 -5.02 28.35 22.26
N ARG B 321 -4.28 28.57 21.18
CA ARG B 321 -2.85 28.84 21.24
C ARG B 321 -2.61 30.26 21.76
N ILE B 322 -3.64 31.11 21.67
CA ILE B 322 -3.56 32.49 22.15
C ILE B 322 -3.15 32.53 23.63
N THR B 323 -3.56 31.50 24.37
CA THR B 323 -3.22 31.35 25.79
C THR B 323 -2.42 30.05 25.93
N PRO B 324 -1.08 30.13 25.85
CA PRO B 324 -0.22 28.94 25.92
C PRO B 324 -0.37 28.02 27.15
N PRO B 325 -0.43 28.59 28.37
CA PRO B 325 -0.49 27.75 29.58
C PRO B 325 -1.88 27.24 30.00
N GLU B 326 -2.91 27.52 29.20
CA GLU B 326 -4.26 27.06 29.50
C GLU B 326 -4.68 26.07 28.43
N GLY B 327 -5.32 24.98 28.83
CA GLY B 327 -5.78 23.96 27.90
C GLY B 327 -6.66 22.89 28.51
N GLU B 328 -7.44 22.25 27.65
CA GLU B 328 -8.36 21.17 28.05
C GLU B 328 -7.72 20.19 29.03
N VAL B 329 -6.67 19.49 28.60
CA VAL B 329 -6.01 18.50 29.45
C VAL B 329 -5.46 19.08 30.75
N ILE B 330 -5.00 20.32 30.72
CA ILE B 330 -4.47 20.97 31.91
C ILE B 330 -5.61 21.22 32.93
N THR B 331 -6.78 21.59 32.44
CA THR B 331 -7.93 21.85 33.30
C THR B 331 -8.43 20.56 34.01
N ARG B 332 -8.61 19.49 33.23
CA ARG B 332 -9.10 18.22 33.79
C ARG B 332 -8.20 17.66 34.91
N LEU B 333 -6.90 17.88 34.80
CA LEU B 333 -5.95 17.42 35.79
C LEU B 333 -5.96 18.31 37.02
N LYS B 334 -6.14 19.60 36.80
CA LYS B 334 -6.19 20.59 37.86
C LYS B 334 -7.39 20.33 38.79
N THR B 335 -8.49 19.85 38.21
CA THR B 335 -9.72 19.58 38.95
C THR B 335 -9.84 18.13 39.44
N GLY B 336 -9.16 17.21 38.77
CA GLY B 336 -9.21 15.80 39.14
C GLY B 336 -10.13 14.98 38.25
N ALA B 337 -10.66 15.60 37.19
CA ALA B 337 -11.52 14.92 36.25
C ALA B 337 -10.69 13.81 35.61
N LEU B 338 -9.43 14.14 35.30
CA LEU B 338 -8.48 13.18 34.74
C LEU B 338 -7.35 13.00 35.74
N CYS B 339 -6.69 11.84 35.70
CA CYS B 339 -5.63 11.53 36.64
C CYS B 339 -4.56 10.63 36.03
N ALA B 340 -3.30 10.95 36.32
CA ALA B 340 -2.14 10.21 35.81
C ALA B 340 -1.66 9.13 36.78
N ARG B 341 -2.50 8.76 37.74
CA ARG B 341 -2.15 7.73 38.70
C ARG B 341 -1.93 6.41 37.96
N GLY B 342 -0.73 5.84 38.10
CA GLY B 342 -0.43 4.57 37.47
C GLY B 342 0.14 4.63 36.07
N LEU B 343 0.14 5.81 35.45
CA LEU B 343 0.68 5.93 34.10
C LEU B 343 2.18 6.20 34.12
N ARG B 344 2.87 5.68 33.10
CA ARG B 344 4.28 5.97 32.93
C ARG B 344 4.22 7.00 31.82
N ILE B 345 4.88 8.13 32.01
CA ILE B 345 4.81 9.20 31.03
C ILE B 345 6.15 9.86 30.72
N VAL B 346 6.44 9.99 29.43
CA VAL B 346 7.62 10.68 28.97
C VAL B 346 7.07 11.97 28.36
N LEU B 347 7.37 13.09 29.01
CA LEU B 347 6.87 14.39 28.57
C LEU B 347 8.05 15.23 28.08
N GLU B 348 8.18 15.33 26.75
CA GLU B 348 9.27 16.04 26.11
C GLU B 348 8.83 17.33 25.40
N ALA B 349 9.69 18.34 25.43
CA ALA B 349 9.42 19.63 24.76
C ALA B 349 10.72 20.39 24.51
N GLY B 350 10.76 21.16 23.43
CA GLY B 350 11.96 21.93 23.05
C GLY B 350 11.99 23.36 23.53
N VAL B 351 13.18 23.84 23.90
CA VAL B 351 13.34 25.20 24.39
C VAL B 351 13.12 26.23 23.29
N ARG B 352 13.23 25.82 22.03
CA ARG B 352 13.07 26.76 20.92
C ARG B 352 11.67 26.76 20.30
N GLU B 353 10.70 26.22 21.03
CA GLU B 353 9.27 26.24 20.65
C GLU B 353 8.55 26.81 21.89
N PRO B 354 8.80 28.11 22.20
CA PRO B 354 8.28 28.82 23.38
C PRO B 354 6.84 28.54 23.80
N ILE B 355 5.89 28.74 22.89
CA ILE B 355 4.49 28.53 23.23
C ILE B 355 4.26 27.08 23.64
N VAL B 356 4.84 26.15 22.88
CA VAL B 356 4.72 24.73 23.18
C VAL B 356 5.44 24.37 24.47
N PHE B 357 6.64 24.91 24.65
CA PHE B 357 7.42 24.66 25.85
C PHE B 357 6.67 25.15 27.09
N GLN B 358 6.07 26.33 27.02
CA GLN B 358 5.32 26.88 28.14
C GLN B 358 4.12 26.01 28.45
N ALA B 359 3.37 25.66 27.41
CA ALA B 359 2.18 24.81 27.58
C ALA B 359 2.54 23.52 28.29
N ASN B 360 3.68 22.92 27.93
CA ASN B 360 4.12 21.68 28.60
C ASN B 360 4.50 21.88 30.06
N GLN B 361 5.12 23.02 30.37
CA GLN B 361 5.47 23.34 31.78
C GLN B 361 4.20 23.37 32.61
N ALA B 362 3.18 24.04 32.10
CA ALA B 362 1.89 24.13 32.75
C ALA B 362 1.30 22.74 32.97
N LEU B 363 1.43 21.89 31.94
CA LEU B 363 0.91 20.53 32.00
C LEU B 363 1.60 19.72 33.09
N TYR B 364 2.92 19.80 33.14
CA TYR B 364 3.71 19.06 34.11
C TYR B 364 3.34 19.40 35.55
N ALA B 365 3.18 20.69 35.83
CA ALA B 365 2.83 21.16 37.17
C ALA B 365 1.55 20.47 37.68
N GLN B 366 0.57 20.33 36.80
CA GLN B 366 -0.71 19.70 37.16
C GLN B 366 -0.60 18.20 37.40
N LEU B 367 0.26 17.52 36.64
CA LEU B 367 0.46 16.08 36.80
C LEU B 367 1.07 15.79 38.16
N ASN B 368 0.92 14.56 38.62
CA ASN B 368 1.46 14.16 39.91
C ASN B 368 2.99 14.04 39.79
N THR B 369 3.67 15.18 39.92
CA THR B 369 5.14 15.22 39.86
C THR B 369 5.78 14.22 40.82
N SER B 370 5.04 13.86 41.88
CA SER B 370 5.50 12.89 42.88
C SER B 370 5.54 11.48 42.32
N GLN B 371 4.91 11.28 41.16
CA GLN B 371 4.87 10.00 40.48
C GLN B 371 6.22 9.75 39.84
N GLN B 372 6.98 8.80 40.40
CA GLN B 372 8.30 8.45 39.88
C GLN B 372 8.27 7.99 38.42
N SER B 373 7.10 7.59 37.94
CA SER B 373 6.94 7.10 36.57
C SER B 373 6.88 8.20 35.49
N ILE B 374 6.92 9.47 35.89
CA ILE B 374 6.88 10.58 34.94
C ILE B 374 8.30 11.08 34.64
N PHE B 375 8.61 11.21 33.35
CA PHE B 375 9.93 11.67 32.92
C PHE B 375 9.81 12.96 32.12
N TRP B 376 10.32 14.05 32.69
CA TRP B 376 10.31 15.34 32.01
C TRP B 376 11.62 15.49 31.28
N ARG B 377 11.57 15.88 30.01
N ARG B 377 11.55 15.88 30.01
CA ARG B 377 12.77 16.04 29.21
CA ARG B 377 12.73 16.04 29.18
C ARG B 377 12.72 17.32 28.38
C ARG B 377 12.70 17.34 28.39
N GLN B 378 13.68 18.21 28.60
CA GLN B 378 13.78 19.46 27.85
C GLN B 378 14.76 19.20 26.74
N VAL B 379 14.41 19.60 25.53
CA VAL B 379 15.29 19.40 24.42
C VAL B 379 15.88 20.73 24.01
N ASP B 380 17.16 20.73 23.70
CA ASP B 380 17.81 21.92 23.20
C ASP B 380 17.51 21.76 21.71
N GLY B 381 16.30 22.19 21.33
CA GLY B 381 15.81 22.08 19.96
C GLY B 381 14.36 22.57 19.85
N GLY B 382 13.75 22.40 18.69
CA GLY B 382 12.39 22.90 18.47
C GLY B 382 11.33 21.89 18.11
N HIS B 383 10.30 22.40 17.43
CA HIS B 383 9.16 21.64 16.93
C HIS B 383 9.77 21.02 15.68
N ASP B 384 10.59 20.01 15.90
CA ASP B 384 11.41 19.45 14.83
C ASP B 384 11.52 17.93 14.82
N ALA B 385 11.11 17.32 13.70
CA ALA B 385 11.16 15.86 13.54
C ALA B 385 12.56 15.29 13.71
N LEU B 386 13.60 16.05 13.34
CA LEU B 386 14.97 15.56 13.53
C LEU B 386 15.21 15.25 15.01
N CYS B 387 14.73 16.13 15.89
CA CYS B 387 14.87 15.90 17.32
C CYS B 387 13.95 14.80 17.76
N TRP B 388 12.69 14.87 17.33
CA TRP B 388 11.69 13.87 17.75
C TRP B 388 12.10 12.44 17.46
N ARG B 389 12.84 12.21 16.36
CA ARG B 389 13.26 10.85 16.01
C ARG B 389 13.97 10.21 17.21
N GLY B 390 14.85 10.99 17.86
CA GLY B 390 15.62 10.50 18.98
C GLY B 390 14.88 10.38 20.30
N GLY B 391 13.99 11.32 20.56
CA GLY B 391 13.20 11.29 21.79
C GLY B 391 12.22 10.12 21.72
N LEU B 392 11.87 9.75 20.50
CA LEU B 392 10.96 8.66 20.27
C LEU B 392 11.55 7.36 20.79
N THR B 393 12.74 6.99 20.32
CA THR B 393 13.36 5.72 20.75
C THR B 393 13.86 5.76 22.19
N GLN B 394 14.41 6.91 22.60
CA GLN B 394 14.88 7.08 23.98
C GLN B 394 13.65 6.96 24.89
N GLY B 395 12.54 7.54 24.45
CA GLY B 395 11.28 7.50 25.18
C GLY B 395 10.74 6.10 25.37
N LEU B 396 10.82 5.30 24.31
CA LEU B 396 10.37 3.91 24.40
C LEU B 396 11.22 3.19 25.45
N LEU B 398 12.61 4.42 28.09
CA LEU B 398 12.19 4.86 29.42
C LEU B 398 10.88 4.20 29.84
N LEU B 399 9.89 4.25 28.97
CA LEU B 399 8.59 3.65 29.26
C LEU B 399 8.69 2.15 29.51
N TRP B 400 9.57 1.47 28.79
CA TRP B 400 9.74 0.02 28.99
C TRP B 400 10.92 -0.39 29.89
N GLN B 401 11.49 0.55 30.63
CA GLN B 401 12.62 0.24 31.54
C GLN B 401 12.39 -1.05 32.36
N PRO B 402 11.24 -1.17 33.04
CA PRO B 402 10.94 -2.38 33.81
C PRO B 402 11.20 -3.68 33.06
N LEU B 403 10.71 -3.75 31.82
CA LEU B 403 10.87 -4.94 30.99
C LEU B 403 12.29 -5.08 30.47
N ILE B 404 12.90 -3.95 30.09
CA ILE B 404 14.27 -3.98 29.58
C ILE B 404 15.27 -4.55 30.58
N ASP B 405 15.18 -4.12 31.84
CA ASP B 405 16.08 -4.60 32.89
C ASP B 405 16.03 -6.13 33.08
N THR B 406 14.87 -6.74 32.83
CA THR B 406 14.71 -8.19 32.98
C THR B 406 15.41 -8.96 31.85
#